data_8E22
#
_entry.id   8E22
#
_entity_poly.entity_id   1
_entity_poly.type   'polypeptide(L)'
_entity_poly.pdbx_seq_one_letter_code
;GLTSLQQQKQRLIESLRNSHSSIAEIQKDVEYRLPFTINNLTININILLPPQFPQEKPVISVYPPIRHHLMDKQGVYVTS
PLVNNFTMHSDLGKIIQSLLDEFWKNPPVLAPTSTAFPYLYSNPSGMS
;
_entity_poly.pdbx_strand_id   X
#
# COMPACT_ATOMS: atom_id res chain seq x y z
N GLY A 1 16.13 -17.52 16.74
CA GLY A 1 14.83 -17.67 16.04
C GLY A 1 14.82 -18.96 15.23
N LEU A 2 13.85 -19.82 15.51
CA LEU A 2 13.74 -21.09 14.81
C LEU A 2 13.53 -20.87 13.31
N THR A 3 12.65 -19.93 12.99
CA THR A 3 12.36 -19.62 11.59
C THR A 3 12.89 -18.25 11.21
N SER A 4 13.63 -18.19 10.11
CA SER A 4 14.20 -16.93 9.65
C SER A 4 13.13 -15.95 9.18
N LEU A 5 12.10 -16.48 8.52
CA LEU A 5 11.03 -15.64 7.96
C LEU A 5 10.26 -14.85 9.03
N GLN A 6 9.93 -15.49 10.15
CA GLN A 6 9.17 -14.77 11.16
C GLN A 6 10.00 -13.64 11.76
N GLN A 7 11.30 -13.88 11.91
CA GLN A 7 12.18 -12.85 12.44
C GLN A 7 12.37 -11.74 11.41
N GLN A 8 12.51 -12.15 10.15
CA GLN A 8 12.71 -11.20 9.05
C GLN A 8 11.47 -10.34 8.85
N LYS A 9 10.30 -10.98 8.91
CA LYS A 9 9.03 -10.27 8.73
C LYS A 9 8.89 -9.17 9.78
N GLN A 10 9.24 -9.48 11.02
CA GLN A 10 9.15 -8.50 12.09
C GLN A 10 10.05 -7.32 11.81
N ARG A 11 11.22 -7.60 11.27
CA ARG A 11 12.19 -6.56 10.93
C ARG A 11 11.58 -5.60 9.91
N LEU A 12 10.79 -6.15 8.99
CA LEU A 12 10.15 -5.33 7.96
C LEU A 12 9.13 -4.37 8.56
N ILE A 13 8.29 -4.89 9.42
CA ILE A 13 7.23 -4.11 10.06
C ILE A 13 7.73 -3.00 10.96
N GLU A 14 8.69 -3.30 11.81
CA GLU A 14 9.20 -2.30 12.72
C GLU A 14 9.84 -1.17 11.94
N SER A 15 10.47 -1.51 10.83
CA SER A 15 11.10 -0.52 9.98
C SER A 15 10.07 0.34 9.25
N LEU A 16 9.05 -0.32 8.70
CA LEU A 16 7.99 0.40 7.97
C LEU A 16 7.21 1.33 8.89
N ARG A 17 6.78 0.80 10.03
CA ARG A 17 6.01 1.58 10.98
C ARG A 17 6.84 2.75 11.48
N ASN A 18 8.09 2.48 11.76
CA ASN A 18 8.99 3.51 12.25
C ASN A 18 9.17 4.60 11.20
N SER A 19 9.26 4.17 9.95
CA SER A 19 9.43 5.10 8.84
C SER A 19 8.22 6.00 8.72
N HIS A 20 7.05 5.41 8.89
CA HIS A 20 5.80 6.14 8.78
C HIS A 20 5.07 6.25 10.11
N SER A 21 5.07 7.45 10.69
CA SER A 21 4.38 7.68 11.95
C SER A 21 2.85 7.62 11.76
N SER A 22 2.40 8.19 10.63
CA SER A 22 0.98 8.21 10.31
C SER A 22 0.42 6.81 10.10
N ILE A 23 1.27 5.91 9.60
CA ILE A 23 0.88 4.52 9.35
C ILE A 23 0.03 4.00 10.51
N ALA A 24 -1.08 3.35 10.19
CA ALA A 24 -1.95 2.81 11.21
C ALA A 24 -2.13 1.31 11.02
N GLU A 25 -2.06 0.57 12.11
CA GLU A 25 -2.20 -0.87 12.03
C GLU A 25 -3.68 -1.26 12.08
N ILE A 26 -4.11 -1.99 11.06
CA ILE A 26 -5.50 -2.44 10.99
C ILE A 26 -5.57 -3.85 11.53
N GLN A 27 -4.62 -4.65 11.07
CA GLN A 27 -4.51 -6.02 11.51
C GLN A 27 -3.10 -6.29 11.97
N LYS A 28 -2.98 -6.75 13.21
CA LYS A 28 -1.68 -7.03 13.81
C LYS A 28 -0.77 -7.81 12.87
N ASP A 29 0.33 -7.17 12.46
CA ASP A 29 1.31 -7.79 11.58
C ASP A 29 0.72 -8.28 10.24
N VAL A 30 -0.55 -7.96 9.98
CA VAL A 30 -1.19 -8.41 8.74
C VAL A 30 -1.63 -7.27 7.83
N GLU A 31 -2.17 -6.19 8.39
CA GLU A 31 -2.67 -5.10 7.55
C GLU A 31 -2.23 -3.71 8.03
N TYR A 32 -1.59 -2.95 7.12
CA TYR A 32 -1.13 -1.61 7.44
C TYR A 32 -1.78 -0.59 6.50
N ARG A 33 -2.21 0.55 7.05
CA ARG A 33 -2.83 1.59 6.22
C ARG A 33 -2.17 2.94 6.47
N LEU A 34 -1.75 3.59 5.38
CA LEU A 34 -1.14 4.90 5.48
C LEU A 34 -1.95 5.94 4.70
N PRO A 35 -2.46 6.98 5.34
CA PRO A 35 -3.23 8.03 4.63
C PRO A 35 -2.29 9.03 3.96
N PHE A 36 -2.65 9.47 2.77
CA PHE A 36 -1.81 10.41 2.04
C PHE A 36 -2.64 11.55 1.45
N THR A 37 -2.18 12.78 1.67
CA THR A 37 -2.91 13.94 1.16
C THR A 37 -2.10 14.70 0.11
N ILE A 38 -2.73 14.94 -1.04
CA ILE A 38 -2.09 15.64 -2.13
C ILE A 38 -3.10 16.50 -2.88
N ASN A 39 -2.74 17.76 -3.13
CA ASN A 39 -3.65 18.66 -3.85
C ASN A 39 -5.01 18.69 -3.16
N ASN A 40 -4.99 18.68 -1.82
CA ASN A 40 -6.22 18.68 -1.04
C ASN A 40 -7.04 17.43 -1.32
N LEU A 41 -6.36 16.37 -1.73
CA LEU A 41 -7.01 15.09 -2.02
C LEU A 41 -6.55 14.08 -1.00
N THR A 42 -7.47 13.40 -0.36
CA THR A 42 -7.07 12.41 0.63
C THR A 42 -7.30 10.99 0.12
N ILE A 43 -6.22 10.22 0.16
CA ILE A 43 -6.27 8.84 -0.28
C ILE A 43 -5.73 7.97 0.83
N ASN A 44 -5.91 6.67 0.72
CA ASN A 44 -5.37 5.79 1.73
C ASN A 44 -4.74 4.59 1.06
N ILE A 45 -3.54 4.29 1.52
CA ILE A 45 -2.79 3.19 1.00
C ILE A 45 -2.98 2.00 1.93
N ASN A 46 -3.52 0.92 1.39
CA ASN A 46 -3.78 -0.28 2.19
C ASN A 46 -2.72 -1.30 1.89
N ILE A 47 -2.21 -1.93 2.93
CA ILE A 47 -1.13 -2.87 2.78
C ILE A 47 -1.50 -4.22 3.40
N LEU A 48 -1.23 -5.30 2.69
CA LEU A 48 -1.53 -6.63 3.19
C LEU A 48 -0.26 -7.47 3.31
N LEU A 49 -0.13 -8.17 4.43
CA LEU A 49 1.03 -9.01 4.68
C LEU A 49 0.58 -10.48 4.76
N PRO A 50 0.66 -11.21 3.68
CA PRO A 50 0.23 -12.64 3.65
C PRO A 50 1.17 -13.53 4.47
N PRO A 51 0.74 -14.73 4.80
CA PRO A 51 1.57 -15.68 5.60
C PRO A 51 2.95 -15.87 4.97
N GLN A 52 2.96 -15.93 3.65
CA GLN A 52 4.20 -16.11 2.90
C GLN A 52 5.12 -14.91 3.07
N PHE A 53 4.52 -13.73 3.16
CA PHE A 53 5.26 -12.48 3.32
C PHE A 53 6.38 -12.64 4.36
N PRO A 54 7.56 -12.06 4.15
CA PRO A 54 7.93 -11.23 2.96
C PRO A 54 8.48 -12.04 1.79
N GLN A 55 8.39 -13.36 1.88
CA GLN A 55 8.87 -14.23 0.79
C GLN A 55 7.91 -14.11 -0.41
N GLU A 56 6.84 -13.37 -0.21
CA GLU A 56 5.86 -13.16 -1.24
C GLU A 56 5.47 -11.70 -1.29
N LYS A 57 4.99 -11.24 -2.43
CA LYS A 57 4.65 -9.83 -2.56
C LYS A 57 3.38 -9.50 -1.77
N PRO A 58 3.24 -8.27 -1.33
CA PRO A 58 2.05 -7.82 -0.55
C PRO A 58 0.92 -7.40 -1.48
N VAL A 59 -0.27 -7.28 -0.92
CA VAL A 59 -1.40 -6.85 -1.72
C VAL A 59 -1.74 -5.41 -1.35
N ILE A 60 -1.53 -4.50 -2.29
CA ILE A 60 -1.79 -3.09 -2.04
C ILE A 60 -2.92 -2.56 -2.91
N SER A 61 -3.85 -1.87 -2.28
CA SER A 61 -4.98 -1.29 -3.00
C SER A 61 -5.18 0.17 -2.60
N VAL A 62 -5.78 0.95 -3.48
CA VAL A 62 -6.01 2.36 -3.22
C VAL A 62 -7.49 2.71 -3.37
N TYR A 63 -8.01 3.47 -2.43
CA TYR A 63 -9.40 3.88 -2.47
C TYR A 63 -9.49 5.35 -2.04
N PRO A 64 -10.20 6.19 -2.77
CA PRO A 64 -10.94 5.80 -3.99
C PRO A 64 -9.99 5.61 -5.17
N PRO A 65 -10.40 4.87 -6.16
CA PRO A 65 -9.57 4.61 -7.37
C PRO A 65 -9.10 5.91 -8.02
N ILE A 66 -7.87 5.88 -8.52
CA ILE A 66 -7.27 7.05 -9.13
C ILE A 66 -6.62 6.70 -10.46
N ARG A 67 -6.47 7.72 -11.32
CA ARG A 67 -5.88 7.52 -12.63
C ARG A 67 -4.39 7.86 -12.61
N HIS A 68 -3.57 6.82 -12.56
CA HIS A 68 -2.12 7.00 -12.53
C HIS A 68 -1.43 5.96 -13.40
N HIS A 69 -0.20 6.25 -13.80
CA HIS A 69 0.55 5.31 -14.61
C HIS A 69 0.93 4.06 -13.80
N LEU A 70 0.85 4.17 -12.48
CA LEU A 70 1.16 3.03 -11.60
C LEU A 70 -0.13 2.30 -11.19
N MET A 71 -1.27 2.83 -11.63
CA MET A 71 -2.57 2.23 -11.32
C MET A 71 -2.92 1.15 -12.33
N ASP A 72 -3.38 0.00 -11.83
CA ASP A 72 -3.74 -1.10 -12.71
C ASP A 72 -4.83 -0.67 -13.68
N LYS A 73 -5.13 -1.51 -14.66
CA LYS A 73 -6.16 -1.19 -15.65
C LYS A 73 -7.48 -0.94 -14.93
N GLN A 74 -7.78 -1.76 -13.93
CA GLN A 74 -8.99 -1.62 -13.14
C GLN A 74 -9.03 -0.29 -12.41
N GLY A 75 -7.86 0.26 -12.14
CA GLY A 75 -7.76 1.54 -11.44
C GLY A 75 -8.09 1.37 -9.96
N VAL A 76 -8.15 0.12 -9.50
CA VAL A 76 -8.43 -0.17 -8.09
C VAL A 76 -7.23 -0.84 -7.45
N TYR A 77 -6.64 -1.79 -8.17
CA TYR A 77 -5.48 -2.50 -7.66
C TYR A 77 -4.20 -1.80 -8.08
N VAL A 78 -3.19 -1.86 -7.22
CA VAL A 78 -1.91 -1.21 -7.51
C VAL A 78 -0.91 -2.24 -8.05
N THR A 79 -0.30 -1.92 -9.18
CA THR A 79 0.70 -2.79 -9.77
C THR A 79 1.82 -1.96 -10.39
N SER A 80 2.86 -1.71 -9.60
CA SER A 80 3.96 -0.87 -10.05
C SER A 80 5.31 -1.58 -9.91
N PRO A 81 6.31 -1.15 -10.66
CA PRO A 81 7.67 -1.77 -10.60
C PRO A 81 8.21 -1.76 -9.17
N LEU A 82 7.94 -0.67 -8.45
CA LEU A 82 8.41 -0.56 -7.06
C LEU A 82 7.95 -1.78 -6.30
N VAL A 83 6.67 -2.09 -6.44
CA VAL A 83 6.07 -3.25 -5.78
C VAL A 83 6.64 -4.55 -6.36
N ASN A 84 6.85 -4.56 -7.67
CA ASN A 84 7.37 -5.74 -8.35
C ASN A 84 8.74 -6.13 -7.81
N ASN A 85 9.58 -5.12 -7.55
CA ASN A 85 10.93 -5.37 -7.05
C ASN A 85 10.92 -5.76 -5.57
N PHE A 86 9.74 -5.84 -4.97
CA PHE A 86 9.64 -6.18 -3.56
C PHE A 86 10.39 -7.45 -3.21
N THR A 87 11.26 -7.35 -2.22
CA THR A 87 12.03 -8.50 -1.76
C THR A 87 12.51 -8.28 -0.32
N MET A 88 13.01 -9.35 0.29
CA MET A 88 13.48 -9.29 1.67
C MET A 88 14.61 -8.26 1.82
N HIS A 89 15.36 -8.06 0.75
CA HIS A 89 16.47 -7.12 0.77
C HIS A 89 15.98 -5.69 0.52
N SER A 90 14.68 -5.52 0.31
CA SER A 90 14.11 -4.20 0.06
C SER A 90 13.27 -3.74 1.24
N ASP A 91 13.35 -2.46 1.54
CA ASP A 91 12.59 -1.88 2.64
C ASP A 91 11.17 -1.55 2.20
N LEU A 92 10.22 -2.29 2.74
CA LEU A 92 8.82 -2.11 2.41
C LEU A 92 8.40 -0.65 2.60
N GLY A 93 8.93 -0.03 3.65
CA GLY A 93 8.60 1.37 3.92
C GLY A 93 9.02 2.26 2.76
N LYS A 94 10.18 1.94 2.20
CA LYS A 94 10.69 2.69 1.07
C LYS A 94 9.72 2.60 -0.10
N ILE A 95 9.16 1.41 -0.31
CA ILE A 95 8.21 1.21 -1.40
C ILE A 95 7.01 2.12 -1.24
N ILE A 96 6.49 2.20 -0.01
CA ILE A 96 5.34 3.04 0.27
C ILE A 96 5.68 4.50 0.00
N GLN A 97 6.88 4.91 0.37
CA GLN A 97 7.30 6.28 0.17
C GLN A 97 7.29 6.60 -1.32
N SER A 98 7.76 5.65 -2.10
CA SER A 98 7.81 5.81 -3.56
C SER A 98 6.41 5.97 -4.17
N LEU A 99 5.45 5.20 -3.66
CA LEU A 99 4.09 5.24 -4.20
C LEU A 99 3.47 6.64 -4.10
N LEU A 100 3.55 7.26 -2.93
CA LEU A 100 2.97 8.58 -2.76
C LEU A 100 3.84 9.63 -3.41
N ASP A 101 5.14 9.39 -3.44
CA ASP A 101 6.06 10.33 -4.05
C ASP A 101 5.73 10.50 -5.53
N GLU A 102 5.37 9.40 -6.16
CA GLU A 102 4.99 9.41 -7.56
C GLU A 102 3.76 10.30 -7.75
N PHE A 103 2.86 10.24 -6.78
CA PHE A 103 1.64 11.06 -6.83
C PHE A 103 1.99 12.53 -6.69
N TRP A 104 3.00 12.84 -5.88
CA TRP A 104 3.42 14.22 -5.70
C TRP A 104 3.80 14.84 -7.03
N LYS A 105 4.48 14.06 -7.86
CA LYS A 105 4.89 14.53 -9.16
C LYS A 105 3.67 14.89 -9.99
N ASN A 106 2.65 14.06 -9.90
CA ASN A 106 1.41 14.27 -10.64
C ASN A 106 0.20 13.88 -9.76
N PRO A 107 -0.53 14.81 -9.20
CA PRO A 107 -1.71 14.47 -8.33
C PRO A 107 -2.69 13.51 -9.02
N PRO A 108 -3.27 12.60 -8.28
CA PRO A 108 -4.23 11.59 -8.84
C PRO A 108 -5.57 12.20 -9.26
N VAL A 109 -6.27 11.47 -10.11
CA VAL A 109 -7.59 11.89 -10.57
C VAL A 109 -8.57 10.75 -10.39
N LEU A 110 -9.74 11.06 -9.84
CA LEU A 110 -10.74 10.03 -9.62
C LEU A 110 -11.10 9.37 -10.95
N ALA A 111 -10.87 8.07 -11.02
CA ALA A 111 -11.17 7.33 -12.24
C ALA A 111 -12.48 6.56 -12.10
N PRO A 112 -13.12 6.20 -13.19
CA PRO A 112 -14.41 5.45 -13.16
C PRO A 112 -14.29 4.15 -12.38
N THR A 113 -15.33 3.82 -11.60
CA THR A 113 -15.32 2.60 -10.82
C THR A 113 -16.75 2.14 -10.51
N SER A 114 -16.87 0.93 -9.97
CA SER A 114 -18.17 0.39 -9.63
C SER A 114 -18.81 1.21 -8.51
N THR A 115 -20.14 1.26 -8.50
CA THR A 115 -20.86 2.02 -7.49
C THR A 115 -20.66 1.40 -6.11
N ALA A 116 -20.48 0.08 -6.08
CA ALA A 116 -20.29 -0.62 -4.81
C ALA A 116 -19.56 -1.94 -5.04
N PHE A 117 -18.99 -2.47 -3.95
CA PHE A 117 -18.27 -3.74 -4.03
C PHE A 117 -19.24 -4.90 -4.28
N PRO A 118 -18.76 -5.99 -4.82
CA PRO A 118 -19.63 -7.18 -5.11
C PRO A 118 -20.32 -7.73 -3.87
N TYR A 119 -19.60 -7.75 -2.75
CA TYR A 119 -20.15 -8.26 -1.49
C TYR A 119 -20.04 -7.24 -0.37
N LEU A 120 -20.16 -5.95 -0.73
CA LEU A 120 -20.07 -4.85 0.23
C LEU A 120 -20.68 -5.20 1.60
N TYR A 121 -19.83 -5.60 2.53
CA TYR A 121 -20.28 -5.96 3.87
C TYR A 121 -19.35 -5.41 4.93
N SER A 122 -19.67 -4.21 5.42
CA SER A 122 -18.86 -3.58 6.46
C SER A 122 -19.74 -2.76 7.40
N ASN A 123 -19.57 -2.98 8.71
CA ASN A 123 -20.36 -2.26 9.69
C ASN A 123 -19.44 -1.49 10.65
N PRO A 124 -19.95 -0.49 11.34
CA PRO A 124 -19.13 0.31 12.30
C PRO A 124 -18.52 -0.56 13.40
N SER A 125 -17.30 -0.21 13.81
CA SER A 125 -16.62 -0.98 14.85
C SER A 125 -17.39 -0.89 16.17
N GLY A 126 -18.10 0.22 16.36
CA GLY A 126 -18.88 0.42 17.57
C GLY A 126 -18.01 0.94 18.70
N MET A 127 -18.63 1.24 19.84
CA MET A 127 -17.90 1.74 21.00
C MET A 127 -16.92 0.70 21.51
N SER A 128 -17.35 -0.56 21.51
CA SER A 128 -16.51 -1.65 21.98
C SER A 128 -16.78 -2.93 21.17
N GLY A 1 12.69 -16.86 17.70
CA GLY A 1 12.16 -17.87 16.75
C GLY A 1 13.28 -18.33 15.83
N LEU A 2 13.48 -19.64 15.73
CA LEU A 2 14.52 -20.19 14.87
C LEU A 2 14.15 -20.02 13.40
N THR A 3 12.86 -19.91 13.12
CA THR A 3 12.39 -19.74 11.76
C THR A 3 12.92 -18.43 11.18
N SER A 4 13.51 -18.50 9.99
CA SER A 4 14.05 -17.31 9.34
C SER A 4 12.95 -16.30 9.06
N LEU A 5 11.82 -16.78 8.52
CA LEU A 5 10.71 -15.90 8.20
C LEU A 5 10.15 -15.23 9.44
N GLN A 6 10.06 -15.95 10.55
CA GLN A 6 9.50 -15.36 11.76
C GLN A 6 10.37 -14.19 12.23
N GLN A 7 11.68 -14.39 12.24
CA GLN A 7 12.59 -13.33 12.67
C GLN A 7 12.60 -12.19 11.65
N GLN A 8 12.61 -12.56 10.37
CA GLN A 8 12.63 -11.58 9.29
C GLN A 8 11.31 -10.79 9.26
N LYS A 9 10.22 -11.49 9.51
CA LYS A 9 8.90 -10.87 9.49
C LYS A 9 8.80 -9.70 10.45
N GLN A 10 9.27 -9.88 11.68
CA GLN A 10 9.21 -8.82 12.68
C GLN A 10 10.02 -7.62 12.24
N ARG A 11 11.18 -7.87 11.65
CA ARG A 11 12.04 -6.79 11.19
C ARG A 11 11.30 -5.96 10.15
N LEU A 12 10.52 -6.64 9.32
CA LEU A 12 9.76 -5.96 8.28
C LEU A 12 8.70 -5.02 8.89
N ILE A 13 8.03 -5.47 9.95
CA ILE A 13 6.96 -4.68 10.56
C ILE A 13 7.46 -3.34 11.12
N GLU A 14 8.54 -3.38 11.91
CA GLU A 14 9.05 -2.16 12.52
C GLU A 14 9.68 -1.23 11.48
N SER A 15 10.23 -1.81 10.42
CA SER A 15 10.85 -1.00 9.37
C SER A 15 9.82 -0.08 8.71
N LEU A 16 8.66 -0.64 8.41
CA LEU A 16 7.59 0.12 7.76
C LEU A 16 6.96 1.13 8.72
N ARG A 17 6.57 0.66 9.90
CA ARG A 17 5.94 1.51 10.89
C ARG A 17 6.86 2.64 11.31
N ASN A 18 8.12 2.29 11.54
CA ASN A 18 9.09 3.29 11.97
C ASN A 18 9.26 4.35 10.89
N SER A 19 9.29 3.89 9.65
CA SER A 19 9.44 4.79 8.51
C SER A 19 8.23 5.71 8.39
N HIS A 20 7.07 5.15 8.67
CA HIS A 20 5.83 5.89 8.57
C HIS A 20 5.14 6.05 9.92
N SER A 21 5.17 7.27 10.46
CA SER A 21 4.53 7.54 11.74
C SER A 21 3.01 7.49 11.62
N SER A 22 2.48 7.98 10.49
CA SER A 22 1.04 8.00 10.28
C SER A 22 0.47 6.60 10.05
N ILE A 23 1.30 5.70 9.51
CA ILE A 23 0.88 4.32 9.26
C ILE A 23 0.13 3.78 10.48
N ALA A 24 -0.98 3.11 10.21
CA ALA A 24 -1.80 2.56 11.28
C ALA A 24 -2.15 1.10 11.00
N GLU A 25 -2.35 0.34 12.06
CA GLU A 25 -2.68 -1.07 11.92
C GLU A 25 -4.19 -1.26 11.82
N ILE A 26 -4.61 -2.04 10.83
CA ILE A 26 -6.02 -2.32 10.62
C ILE A 26 -6.36 -3.67 11.23
N GLN A 27 -5.42 -4.58 11.06
CA GLN A 27 -5.55 -5.92 11.59
C GLN A 27 -4.63 -6.11 12.79
N LYS A 28 -3.37 -6.47 12.51
CA LYS A 28 -2.35 -6.69 13.55
C LYS A 28 -1.22 -7.51 12.95
N ASP A 29 -0.07 -6.87 12.68
CA ASP A 29 1.06 -7.58 12.08
C ASP A 29 0.73 -8.00 10.64
N VAL A 30 -0.43 -7.55 10.12
CA VAL A 30 -0.84 -7.92 8.76
C VAL A 30 -1.18 -6.71 7.87
N GLU A 31 -2.29 -6.07 8.19
CA GLU A 31 -2.77 -4.95 7.38
C GLU A 31 -2.37 -3.58 7.94
N TYR A 32 -1.82 -2.75 7.07
CA TYR A 32 -1.38 -1.41 7.45
C TYR A 32 -1.98 -0.36 6.52
N ARG A 33 -2.25 0.82 7.05
CA ARG A 33 -2.82 1.88 6.22
C ARG A 33 -2.07 3.20 6.42
N LEU A 34 -1.70 3.82 5.31
CA LEU A 34 -0.99 5.10 5.35
C LEU A 34 -1.83 6.18 4.66
N PRO A 35 -2.20 7.25 5.35
CA PRO A 35 -3.00 8.34 4.73
C PRO A 35 -2.11 9.31 3.95
N PHE A 36 -2.56 9.71 2.76
CA PHE A 36 -1.78 10.61 1.93
C PHE A 36 -2.64 11.74 1.39
N THR A 37 -2.17 12.97 1.56
CA THR A 37 -2.90 14.13 1.08
C THR A 37 -2.15 14.83 -0.03
N ILE A 38 -2.81 15.03 -1.16
CA ILE A 38 -2.19 15.68 -2.32
C ILE A 38 -3.22 16.50 -3.09
N ASN A 39 -2.87 17.74 -3.42
CA ASN A 39 -3.78 18.59 -4.15
C ASN A 39 -5.11 18.67 -3.42
N ASN A 40 -5.04 18.70 -2.10
CA ASN A 40 -6.23 18.76 -1.26
C ASN A 40 -7.09 17.51 -1.46
N LEU A 41 -6.42 16.41 -1.81
CA LEU A 41 -7.11 15.14 -2.04
C LEU A 41 -6.65 14.15 -1.00
N THR A 42 -7.59 13.51 -0.31
CA THR A 42 -7.19 12.54 0.70
C THR A 42 -7.39 11.12 0.22
N ILE A 43 -6.30 10.38 0.20
CA ILE A 43 -6.30 9.00 -0.22
C ILE A 43 -5.60 8.17 0.82
N ASN A 44 -5.63 6.86 0.68
CA ASN A 44 -4.95 6.02 1.63
C ASN A 44 -4.34 4.82 0.93
N ILE A 45 -3.24 4.35 1.49
CA ILE A 45 -2.56 3.20 0.95
C ILE A 45 -2.70 2.05 1.93
N ASN A 46 -3.28 0.96 1.45
CA ASN A 46 -3.48 -0.22 2.27
C ASN A 46 -2.42 -1.24 1.92
N ILE A 47 -1.80 -1.77 2.95
CA ILE A 47 -0.71 -2.71 2.77
C ILE A 47 -1.06 -4.04 3.41
N LEU A 48 -1.02 -5.12 2.64
CA LEU A 48 -1.35 -6.43 3.19
C LEU A 48 -0.13 -7.34 3.21
N LEU A 49 0.27 -7.73 4.41
CA LEU A 49 1.42 -8.59 4.62
C LEU A 49 0.97 -10.03 4.90
N PRO A 50 1.01 -10.91 3.94
CA PRO A 50 0.58 -12.32 4.14
C PRO A 50 1.57 -13.10 5.01
N PRO A 51 1.19 -14.23 5.51
CA PRO A 51 2.08 -15.06 6.36
C PRO A 51 3.42 -15.28 5.66
N GLN A 52 3.34 -15.47 4.35
CA GLN A 52 4.53 -15.70 3.53
C GLN A 52 5.41 -14.46 3.44
N PHE A 53 4.80 -13.28 3.44
CA PHE A 53 5.58 -12.05 3.35
C PHE A 53 6.73 -12.09 4.38
N PRO A 54 7.90 -11.53 4.09
CA PRO A 54 8.22 -10.82 2.82
C PRO A 54 8.69 -11.74 1.70
N GLN A 55 8.58 -13.05 1.92
CA GLN A 55 8.96 -14.02 0.90
C GLN A 55 7.96 -13.96 -0.27
N GLU A 56 6.89 -13.21 -0.05
CA GLU A 56 5.85 -13.04 -1.03
C GLU A 56 5.48 -11.58 -1.17
N LYS A 57 5.01 -11.22 -2.34
CA LYS A 57 4.64 -9.85 -2.63
C LYS A 57 3.41 -9.43 -1.82
N PRO A 58 3.49 -8.41 -1.00
CA PRO A 58 2.31 -7.94 -0.20
C PRO A 58 1.24 -7.44 -1.15
N VAL A 59 -0.02 -7.43 -0.71
CA VAL A 59 -1.09 -6.97 -1.58
C VAL A 59 -1.45 -5.53 -1.21
N ILE A 60 -1.23 -4.62 -2.14
CA ILE A 60 -1.51 -3.20 -1.90
C ILE A 60 -2.69 -2.72 -2.72
N SER A 61 -3.58 -1.98 -2.07
CA SER A 61 -4.76 -1.44 -2.73
C SER A 61 -5.01 0.00 -2.27
N VAL A 62 -5.72 0.76 -3.08
CA VAL A 62 -6.01 2.16 -2.76
C VAL A 62 -7.50 2.47 -2.89
N TYR A 63 -8.03 3.25 -1.95
CA TYR A 63 -9.43 3.63 -1.99
C TYR A 63 -9.59 5.11 -1.57
N PRO A 64 -10.41 5.87 -2.26
CA PRO A 64 -11.16 5.41 -3.45
C PRO A 64 -10.23 5.26 -4.67
N PRO A 65 -10.54 4.38 -5.59
CA PRO A 65 -9.69 4.16 -6.80
C PRO A 65 -9.31 5.47 -7.49
N ILE A 66 -8.08 5.49 -7.96
CA ILE A 66 -7.51 6.67 -8.60
C ILE A 66 -6.88 6.35 -9.95
N ARG A 67 -6.70 7.38 -10.76
CA ARG A 67 -6.10 7.23 -12.07
C ARG A 67 -4.63 7.65 -12.01
N HIS A 68 -3.74 6.78 -12.48
CA HIS A 68 -2.32 7.08 -12.46
C HIS A 68 -1.59 6.14 -13.41
N HIS A 69 -0.44 6.56 -13.92
CA HIS A 69 0.30 5.71 -14.85
C HIS A 69 0.74 4.41 -14.20
N LEU A 70 0.87 4.42 -12.86
CA LEU A 70 1.29 3.20 -12.17
C LEU A 70 0.11 2.27 -11.99
N MET A 71 -1.00 2.78 -11.44
CA MET A 71 -2.19 1.98 -11.20
C MET A 71 -2.56 1.13 -12.41
N ASP A 72 -3.19 -0.01 -12.13
CA ASP A 72 -3.60 -0.94 -13.18
C ASP A 72 -4.76 -0.34 -13.97
N LYS A 73 -5.25 -1.11 -14.94
CA LYS A 73 -6.33 -0.67 -15.80
C LYS A 73 -7.59 -0.35 -14.99
N GLN A 74 -7.88 -1.14 -13.97
CA GLN A 74 -9.08 -0.91 -13.15
C GLN A 74 -8.91 0.34 -12.30
N GLY A 75 -7.67 0.78 -12.11
CA GLY A 75 -7.42 1.95 -11.29
C GLY A 75 -7.66 1.62 -9.81
N VAL A 76 -7.73 0.32 -9.50
CA VAL A 76 -7.95 -0.12 -8.14
C VAL A 76 -6.71 -0.83 -7.62
N TYR A 77 -6.19 -1.75 -8.42
CA TYR A 77 -5.00 -2.48 -8.04
C TYR A 77 -3.76 -1.77 -8.56
N VAL A 78 -2.72 -1.71 -7.73
CA VAL A 78 -1.49 -1.05 -8.12
C VAL A 78 -0.57 -2.02 -8.84
N THR A 79 -0.07 -1.64 -10.02
CA THR A 79 0.82 -2.50 -10.77
C THR A 79 2.00 -1.71 -11.29
N SER A 80 3.06 -1.60 -10.48
CA SER A 80 4.22 -0.83 -10.89
C SER A 80 5.51 -1.63 -10.67
N PRO A 81 6.55 -1.31 -11.40
CA PRO A 81 7.87 -1.99 -11.25
C PRO A 81 8.49 -1.69 -9.89
N LEU A 82 8.01 -0.63 -9.26
CA LEU A 82 8.50 -0.20 -7.96
C LEU A 82 8.24 -1.30 -6.93
N VAL A 83 7.07 -1.92 -7.03
CA VAL A 83 6.68 -2.99 -6.12
C VAL A 83 7.09 -4.34 -6.70
N ASN A 84 7.20 -4.40 -8.03
CA ASN A 84 7.58 -5.64 -8.71
C ASN A 84 8.94 -6.13 -8.22
N ASN A 85 9.84 -5.20 -7.95
CA ASN A 85 11.18 -5.56 -7.49
C ASN A 85 11.22 -5.73 -5.97
N PHE A 86 10.08 -6.09 -5.37
CA PHE A 86 10.02 -6.27 -3.92
C PHE A 86 10.92 -7.42 -3.48
N THR A 87 11.88 -7.10 -2.61
CA THR A 87 12.80 -8.11 -2.12
C THR A 87 12.82 -8.17 -0.61
N MET A 88 13.48 -9.19 -0.09
CA MET A 88 13.58 -9.39 1.36
C MET A 88 14.36 -8.26 1.99
N HIS A 89 15.47 -7.91 1.37
CA HIS A 89 16.32 -6.83 1.87
C HIS A 89 15.73 -5.46 1.53
N SER A 90 14.73 -5.45 0.64
CA SER A 90 14.09 -4.20 0.25
C SER A 90 13.30 -3.61 1.41
N ASP A 91 13.32 -2.29 1.53
CA ASP A 91 12.57 -1.63 2.59
C ASP A 91 11.12 -1.48 2.16
N LEU A 92 10.26 -2.26 2.78
CA LEU A 92 8.84 -2.23 2.47
C LEU A 92 8.30 -0.80 2.58
N GLY A 93 8.76 -0.09 3.62
CA GLY A 93 8.32 1.29 3.83
C GLY A 93 8.73 2.17 2.66
N LYS A 94 9.93 1.95 2.17
CA LYS A 94 10.45 2.71 1.04
C LYS A 94 9.56 2.51 -0.18
N ILE A 95 9.10 1.28 -0.37
CA ILE A 95 8.25 0.95 -1.51
C ILE A 95 6.97 1.79 -1.46
N ILE A 96 6.37 1.87 -0.27
CA ILE A 96 5.15 2.66 -0.09
C ILE A 96 5.47 4.14 -0.22
N GLN A 97 6.60 4.54 0.36
CA GLN A 97 7.04 5.92 0.30
C GLN A 97 7.20 6.38 -1.14
N SER A 98 7.77 5.51 -1.96
CA SER A 98 7.98 5.83 -3.37
C SER A 98 6.64 5.98 -4.10
N LEU A 99 5.67 5.14 -3.75
CA LEU A 99 4.37 5.17 -4.41
C LEU A 99 3.69 6.54 -4.29
N LEU A 100 3.66 7.11 -3.11
CA LEU A 100 3.02 8.41 -2.93
C LEU A 100 3.89 9.50 -3.52
N ASP A 101 5.19 9.27 -3.56
CA ASP A 101 6.10 10.24 -4.13
C ASP A 101 5.76 10.43 -5.60
N GLU A 102 5.40 9.34 -6.26
CA GLU A 102 5.01 9.41 -7.66
C GLU A 102 3.76 10.25 -7.82
N PHE A 103 2.87 10.14 -6.85
CA PHE A 103 1.62 10.89 -6.88
C PHE A 103 1.92 12.38 -6.76
N TRP A 104 2.93 12.72 -5.97
CA TRP A 104 3.31 14.11 -5.80
C TRP A 104 3.61 14.73 -7.15
N LYS A 105 4.34 13.99 -7.98
CA LYS A 105 4.66 14.46 -9.31
C LYS A 105 3.41 14.64 -10.14
N ASN A 106 2.50 13.69 -10.03
CA ASN A 106 1.25 13.72 -10.77
C ASN A 106 0.07 13.36 -9.86
N PRO A 107 -0.64 14.32 -9.31
CA PRO A 107 -1.79 14.05 -8.39
C PRO A 107 -2.82 13.09 -9.01
N PRO A 108 -3.39 12.21 -8.21
CA PRO A 108 -4.39 11.20 -8.68
C PRO A 108 -5.74 11.81 -9.02
N VAL A 109 -6.51 11.07 -9.81
CA VAL A 109 -7.86 11.50 -10.19
C VAL A 109 -8.84 10.37 -9.92
N LEU A 110 -9.97 10.71 -9.30
CA LEU A 110 -10.97 9.72 -9.00
C LEU A 110 -11.43 9.03 -10.28
N ALA A 111 -11.35 7.71 -10.31
CA ALA A 111 -11.75 6.94 -11.48
C ALA A 111 -13.26 7.09 -11.72
N PRO A 112 -13.69 7.56 -12.88
CA PRO A 112 -15.13 7.73 -13.18
C PRO A 112 -15.83 6.41 -13.51
N THR A 113 -17.14 6.39 -13.30
CA THR A 113 -17.95 5.19 -13.59
C THR A 113 -17.39 3.96 -12.88
N SER A 114 -18.02 3.59 -11.77
CA SER A 114 -17.60 2.41 -11.02
C SER A 114 -18.81 1.56 -10.65
N THR A 115 -18.87 0.35 -11.20
CA THR A 115 -19.99 -0.55 -10.93
C THR A 115 -20.04 -0.92 -9.44
N ALA A 116 -18.90 -1.29 -8.88
CA ALA A 116 -18.84 -1.66 -7.47
C ALA A 116 -17.41 -2.02 -7.08
N PHE A 117 -17.24 -2.34 -5.80
CA PHE A 117 -15.93 -2.73 -5.29
C PHE A 117 -15.52 -4.09 -5.83
N PRO A 118 -14.24 -4.39 -5.88
CA PRO A 118 -13.74 -5.69 -6.41
C PRO A 118 -14.37 -6.90 -5.73
N TYR A 119 -14.16 -7.01 -4.41
CA TYR A 119 -14.71 -8.13 -3.65
C TYR A 119 -15.54 -7.67 -2.45
N LEU A 120 -15.66 -6.36 -2.26
CA LEU A 120 -16.42 -5.85 -1.13
C LEU A 120 -17.88 -5.60 -1.50
N TYR A 121 -18.74 -6.56 -1.15
CA TYR A 121 -20.17 -6.41 -1.40
C TYR A 121 -20.94 -7.55 -0.73
N SER A 122 -21.35 -7.31 0.51
CA SER A 122 -22.10 -8.32 1.27
C SER A 122 -23.39 -7.73 1.81
N ASN A 123 -24.38 -8.58 2.01
CA ASN A 123 -25.67 -8.13 2.53
C ASN A 123 -25.53 -7.69 3.98
N PRO A 124 -26.38 -6.81 4.44
CA PRO A 124 -26.32 -6.31 5.85
C PRO A 124 -26.76 -7.37 6.86
N SER A 125 -26.18 -7.31 8.06
CA SER A 125 -26.52 -8.26 9.12
C SER A 125 -27.96 -8.10 9.55
N GLY A 126 -28.53 -6.92 9.30
CA GLY A 126 -29.92 -6.65 9.68
C GLY A 126 -29.99 -6.05 11.07
N MET A 127 -31.19 -5.65 11.49
CA MET A 127 -31.37 -5.07 12.81
C MET A 127 -30.43 -3.89 13.01
N SER A 128 -30.41 -3.34 14.22
CA SER A 128 -29.54 -2.20 14.52
C SER A 128 -28.07 -2.61 14.43
N GLY A 1 15.73 -15.83 17.88
CA GLY A 1 15.70 -16.01 16.41
C GLY A 1 14.76 -17.16 16.05
N LEU A 2 15.29 -18.39 16.14
CA LEU A 2 14.50 -19.58 15.83
C LEU A 2 14.21 -19.67 14.34
N THR A 3 13.34 -18.81 13.84
CA THR A 3 12.98 -18.81 12.44
C THR A 3 13.45 -17.51 11.77
N SER A 4 14.18 -17.64 10.67
CA SER A 4 14.68 -16.48 9.95
C SER A 4 13.53 -15.63 9.41
N LEU A 5 12.51 -16.30 8.90
CA LEU A 5 11.35 -15.61 8.34
C LEU A 5 10.64 -14.78 9.42
N GLN A 6 10.48 -15.35 10.60
CA GLN A 6 9.81 -14.65 11.68
C GLN A 6 10.63 -13.43 12.11
N GLN A 7 11.95 -13.62 12.20
CA GLN A 7 12.84 -12.53 12.58
C GLN A 7 12.84 -11.44 11.50
N GLN A 8 12.88 -11.87 10.25
CA GLN A 8 12.87 -10.95 9.12
C GLN A 8 11.58 -10.15 9.07
N LYS A 9 10.48 -10.84 9.33
CA LYS A 9 9.17 -10.21 9.32
C LYS A 9 9.09 -9.05 10.31
N GLN A 10 9.50 -9.30 11.55
CA GLN A 10 9.44 -8.29 12.59
C GLN A 10 10.30 -7.09 12.23
N ARG A 11 11.45 -7.33 11.65
CA ARG A 11 12.34 -6.23 11.26
C ARG A 11 11.61 -5.35 10.28
N LEU A 12 10.83 -5.97 9.39
CA LEU A 12 10.06 -5.24 8.40
C LEU A 12 8.97 -4.39 9.08
N ILE A 13 8.31 -4.95 10.09
CA ILE A 13 7.22 -4.24 10.75
C ILE A 13 7.71 -2.97 11.44
N GLU A 14 8.77 -3.09 12.23
CA GLU A 14 9.29 -1.93 12.95
C GLU A 14 9.92 -0.92 11.99
N SER A 15 10.59 -1.42 10.96
CA SER A 15 11.22 -0.55 9.98
C SER A 15 10.17 0.28 9.24
N LEU A 16 9.13 -0.41 8.76
CA LEU A 16 8.07 0.24 8.01
C LEU A 16 7.29 1.22 8.89
N ARG A 17 6.90 0.75 10.07
CA ARG A 17 6.14 1.58 11.00
C ARG A 17 6.96 2.79 11.40
N ASN A 18 8.23 2.54 11.65
CA ASN A 18 9.13 3.60 12.06
C ASN A 18 9.26 4.64 10.96
N SER A 19 9.32 4.17 9.72
CA SER A 19 9.45 5.05 8.57
C SER A 19 8.24 5.96 8.44
N HIS A 20 7.07 5.38 8.71
CA HIS A 20 5.82 6.12 8.61
C HIS A 20 5.14 6.26 9.97
N SER A 21 5.12 7.47 10.52
CA SER A 21 4.48 7.72 11.79
C SER A 21 2.96 7.64 11.67
N SER A 22 2.44 8.15 10.54
CA SER A 22 1.01 8.15 10.28
C SER A 22 0.47 6.73 10.09
N ILE A 23 1.32 5.84 9.58
CA ILE A 23 0.94 4.44 9.37
C ILE A 23 0.12 3.92 10.55
N ALA A 24 -0.97 3.23 10.26
CA ALA A 24 -1.83 2.69 11.31
C ALA A 24 -2.04 1.20 11.13
N GLU A 25 -2.20 0.50 12.23
CA GLU A 25 -2.42 -0.95 12.18
C GLU A 25 -3.91 -1.24 12.06
N ILE A 26 -4.29 -2.00 11.04
CA ILE A 26 -5.69 -2.34 10.81
C ILE A 26 -5.98 -3.73 11.35
N GLN A 27 -5.04 -4.63 11.10
CA GLN A 27 -5.17 -6.00 11.52
C GLN A 27 -4.23 -6.29 12.70
N LYS A 28 -2.98 -6.67 12.40
CA LYS A 28 -1.98 -6.96 13.42
C LYS A 28 -0.83 -7.72 12.76
N ASP A 29 0.27 -7.02 12.48
CA ASP A 29 1.41 -7.64 11.81
C ASP A 29 1.03 -8.12 10.41
N VAL A 30 -0.15 -7.72 9.93
CA VAL A 30 -0.61 -8.14 8.61
C VAL A 30 -0.97 -6.95 7.71
N GLU A 31 -2.05 -6.27 8.06
CA GLU A 31 -2.55 -5.15 7.26
C GLU A 31 -2.12 -3.80 7.82
N TYR A 32 -1.48 -3.01 6.96
CA TYR A 32 -1.02 -1.67 7.33
C TYR A 32 -1.66 -0.61 6.42
N ARG A 33 -2.06 0.52 7.01
CA ARG A 33 -2.68 1.59 6.21
C ARG A 33 -2.03 2.93 6.50
N LEU A 34 -1.64 3.63 5.44
CA LEU A 34 -1.03 4.94 5.59
C LEU A 34 -1.87 6.04 4.93
N PRO A 35 -2.47 6.94 5.68
CA PRO A 35 -3.28 8.05 5.10
C PRO A 35 -2.37 9.01 4.31
N PHE A 36 -2.80 9.39 3.12
CA PHE A 36 -2.01 10.29 2.29
C PHE A 36 -2.88 11.38 1.70
N THR A 37 -2.38 12.62 1.70
CA THR A 37 -3.15 13.73 1.16
C THR A 37 -2.38 14.49 0.10
N ILE A 38 -3.02 14.71 -1.05
CA ILE A 38 -2.40 15.40 -2.17
C ILE A 38 -3.43 16.21 -2.95
N ASN A 39 -3.07 17.44 -3.31
CA ASN A 39 -3.98 18.29 -4.07
C ASN A 39 -5.32 18.39 -3.36
N ASN A 40 -5.26 18.52 -2.03
CA ASN A 40 -6.47 18.61 -1.21
C ASN A 40 -7.32 17.35 -1.38
N LEU A 41 -6.66 16.24 -1.63
CA LEU A 41 -7.35 14.95 -1.81
C LEU A 41 -6.88 13.99 -0.77
N THR A 42 -7.79 13.30 -0.09
CA THR A 42 -7.37 12.35 0.91
C THR A 42 -7.59 10.92 0.44
N ILE A 43 -6.51 10.17 0.45
CA ILE A 43 -6.53 8.78 0.03
C ILE A 43 -5.93 7.93 1.12
N ASN A 44 -6.12 6.63 1.04
CA ASN A 44 -5.53 5.74 2.01
C ASN A 44 -4.87 4.57 1.33
N ILE A 45 -3.59 4.44 1.59
CA ILE A 45 -2.82 3.37 1.02
C ILE A 45 -2.98 2.15 1.90
N ASN A 46 -3.50 1.07 1.33
CA ASN A 46 -3.71 -0.15 2.10
C ASN A 46 -2.63 -1.15 1.74
N ILE A 47 -2.07 -1.74 2.77
CA ILE A 47 -0.97 -2.67 2.60
C ILE A 47 -1.34 -4.01 3.23
N LEU A 48 -1.15 -5.08 2.48
CA LEU A 48 -1.48 -6.40 3.01
C LEU A 48 -0.28 -7.33 2.96
N LEU A 49 0.03 -7.93 4.10
CA LEU A 49 1.14 -8.85 4.21
C LEU A 49 0.58 -10.28 4.18
N PRO A 50 0.72 -11.02 3.09
CA PRO A 50 0.16 -12.39 2.98
C PRO A 50 0.75 -13.31 4.05
N PRO A 51 0.28 -14.52 4.16
CA PRO A 51 0.78 -15.46 5.20
C PRO A 51 2.19 -15.95 4.90
N GLN A 52 2.56 -15.85 3.63
CA GLN A 52 3.89 -16.26 3.19
C GLN A 52 4.89 -15.14 3.38
N PHE A 53 4.40 -13.91 3.28
CA PHE A 53 5.23 -12.71 3.42
C PHE A 53 6.26 -12.85 4.55
N PRO A 54 7.38 -12.16 4.48
CA PRO A 54 7.74 -11.23 3.36
C PRO A 54 8.42 -11.95 2.19
N GLN A 55 8.37 -13.28 2.20
CA GLN A 55 8.95 -14.08 1.11
C GLN A 55 8.05 -14.04 -0.12
N GLU A 56 6.98 -13.25 -0.03
CA GLU A 56 6.03 -13.11 -1.11
C GLU A 56 5.65 -11.65 -1.23
N LYS A 57 5.20 -11.27 -2.42
CA LYS A 57 4.84 -9.88 -2.65
C LYS A 57 3.57 -9.51 -1.88
N PRO A 58 3.44 -8.26 -1.49
CA PRO A 58 2.24 -7.79 -0.75
C PRO A 58 1.13 -7.41 -1.69
N VAL A 59 -0.08 -7.31 -1.15
CA VAL A 59 -1.22 -6.94 -1.97
C VAL A 59 -1.62 -5.52 -1.60
N ILE A 60 -1.33 -4.57 -2.48
CA ILE A 60 -1.63 -3.17 -2.22
C ILE A 60 -2.87 -2.70 -2.99
N SER A 61 -3.80 -2.11 -2.27
CA SER A 61 -5.02 -1.59 -2.88
C SER A 61 -5.28 -0.17 -2.36
N VAL A 62 -5.99 0.64 -3.14
CA VAL A 62 -6.27 2.01 -2.71
C VAL A 62 -7.73 2.37 -2.98
N TYR A 63 -8.27 3.24 -2.13
CA TYR A 63 -9.65 3.70 -2.30
C TYR A 63 -9.74 5.18 -1.93
N PRO A 64 -10.53 5.95 -2.64
CA PRO A 64 -11.33 5.48 -3.80
C PRO A 64 -10.45 5.41 -5.07
N PRO A 65 -10.85 4.64 -6.03
CA PRO A 65 -10.09 4.48 -7.31
C PRO A 65 -9.55 5.81 -7.84
N ILE A 66 -8.44 5.71 -8.58
CA ILE A 66 -7.78 6.89 -9.13
C ILE A 66 -7.04 6.56 -10.42
N ARG A 67 -6.77 7.58 -11.22
CA ARG A 67 -6.06 7.40 -12.49
C ARG A 67 -4.58 7.72 -12.29
N HIS A 68 -3.71 6.82 -12.73
CA HIS A 68 -2.27 7.04 -12.58
C HIS A 68 -1.49 5.99 -13.38
N HIS A 69 -0.25 6.30 -13.74
CA HIS A 69 0.56 5.38 -14.53
C HIS A 69 0.91 4.10 -13.77
N LEU A 70 0.86 4.16 -12.44
CA LEU A 70 1.18 3.00 -11.61
C LEU A 70 -0.08 2.27 -11.14
N MET A 71 -1.24 2.76 -11.54
CA MET A 71 -2.48 2.15 -11.15
C MET A 71 -2.96 1.17 -12.22
N ASP A 72 -3.48 0.03 -11.78
CA ASP A 72 -3.96 -1.00 -12.70
C ASP A 72 -5.14 -0.48 -13.54
N LYS A 73 -5.52 -1.26 -14.55
CA LYS A 73 -6.63 -0.89 -15.42
C LYS A 73 -7.91 -0.70 -14.62
N GLN A 74 -8.13 -1.57 -13.64
CA GLN A 74 -9.32 -1.50 -12.80
C GLN A 74 -9.40 -0.18 -12.04
N GLY A 75 -8.25 0.41 -11.79
CA GLY A 75 -8.20 1.67 -11.06
C GLY A 75 -8.32 1.43 -9.55
N VAL A 76 -8.24 0.17 -9.14
CA VAL A 76 -8.34 -0.17 -7.73
C VAL A 76 -7.04 -0.79 -7.21
N TYR A 77 -6.45 -1.67 -8.00
CA TYR A 77 -5.22 -2.32 -7.60
C TYR A 77 -4.00 -1.61 -8.17
N VAL A 78 -2.95 -1.49 -7.38
CA VAL A 78 -1.73 -0.83 -7.83
C VAL A 78 -0.71 -1.85 -8.31
N THR A 79 -0.14 -1.59 -9.49
CA THR A 79 0.88 -2.49 -10.04
C THR A 79 2.07 -1.68 -10.55
N SER A 80 3.05 -1.50 -9.67
CA SER A 80 4.23 -0.71 -10.02
C SER A 80 5.50 -1.55 -9.98
N PRO A 81 6.51 -1.17 -10.72
CA PRO A 81 7.81 -1.88 -10.71
C PRO A 81 8.47 -1.78 -9.33
N LEU A 82 8.00 -0.82 -8.54
CA LEU A 82 8.52 -0.60 -7.20
C LEU A 82 8.30 -1.87 -6.38
N VAL A 83 7.13 -2.47 -6.55
CA VAL A 83 6.76 -3.69 -5.85
C VAL A 83 7.28 -4.92 -6.59
N ASN A 84 7.45 -4.79 -7.89
CA ASN A 84 7.91 -5.90 -8.72
C ASN A 84 9.27 -6.41 -8.22
N ASN A 85 10.15 -5.49 -7.84
CA ASN A 85 11.46 -5.88 -7.35
C ASN A 85 11.43 -6.16 -5.85
N PHE A 86 10.25 -6.45 -5.32
CA PHE A 86 10.09 -6.73 -3.90
C PHE A 86 10.85 -7.98 -3.47
N THR A 87 11.70 -7.81 -2.46
CA THR A 87 12.46 -8.92 -1.93
C THR A 87 12.96 -8.62 -0.53
N MET A 88 13.56 -9.62 0.11
CA MET A 88 14.09 -9.44 1.47
C MET A 88 15.18 -8.39 1.50
N HIS A 89 15.80 -8.15 0.35
CA HIS A 89 16.85 -7.16 0.26
C HIS A 89 16.27 -5.77 0.02
N SER A 90 14.93 -5.68 -0.02
CA SER A 90 14.28 -4.39 -0.25
C SER A 90 13.45 -3.98 0.97
N ASP A 91 13.45 -2.69 1.24
CA ASP A 91 12.70 -2.12 2.36
C ASP A 91 11.24 -1.91 1.97
N LEU A 92 10.34 -2.58 2.67
CA LEU A 92 8.92 -2.46 2.38
C LEU A 92 8.46 -1.01 2.53
N GLY A 93 8.95 -0.34 3.58
CA GLY A 93 8.58 1.05 3.82
C GLY A 93 8.99 1.92 2.65
N LYS A 94 10.14 1.62 2.07
CA LYS A 94 10.63 2.38 0.93
C LYS A 94 9.61 2.33 -0.20
N ILE A 95 9.02 1.16 -0.39
CA ILE A 95 8.02 0.98 -1.44
C ILE A 95 6.81 1.88 -1.19
N ILE A 96 6.35 1.91 0.06
CA ILE A 96 5.20 2.74 0.42
C ILE A 96 5.46 4.22 0.16
N GLN A 97 6.59 4.73 0.63
CA GLN A 97 6.90 6.14 0.43
C GLN A 97 7.13 6.46 -1.04
N SER A 98 7.62 5.47 -1.80
CA SER A 98 7.84 5.68 -3.23
C SER A 98 6.51 5.72 -3.96
N LEU A 99 5.53 4.97 -3.47
CA LEU A 99 4.22 4.94 -4.10
C LEU A 99 3.61 6.33 -4.11
N LEU A 100 3.59 6.99 -2.95
CA LEU A 100 3.02 8.33 -2.86
C LEU A 100 3.93 9.39 -3.49
N ASP A 101 5.25 9.18 -3.48
CA ASP A 101 6.12 10.19 -4.07
C ASP A 101 5.71 10.40 -5.51
N GLU A 102 5.32 9.31 -6.12
CA GLU A 102 4.89 9.32 -7.49
C GLU A 102 3.58 10.08 -7.60
N PHE A 103 2.74 9.97 -6.57
CA PHE A 103 1.47 10.68 -6.57
C PHE A 103 1.76 12.18 -6.54
N TRP A 104 2.77 12.57 -5.76
CA TRP A 104 3.17 13.97 -5.66
C TRP A 104 3.57 14.47 -7.02
N LYS A 105 4.33 13.66 -7.73
CA LYS A 105 4.77 14.01 -9.06
C LYS A 105 3.56 14.32 -9.95
N ASN A 106 2.54 13.47 -9.85
CA ASN A 106 1.32 13.65 -10.62
C ASN A 106 0.10 13.30 -9.76
N PRO A 107 -0.58 14.26 -9.17
CA PRO A 107 -1.76 13.98 -8.30
C PRO A 107 -2.81 13.12 -9.00
N PRO A 108 -3.45 12.22 -8.29
CA PRO A 108 -4.48 11.31 -8.86
C PRO A 108 -5.78 12.00 -9.23
N VAL A 109 -6.51 11.35 -10.12
CA VAL A 109 -7.81 11.82 -10.59
C VAL A 109 -8.81 10.71 -10.36
N LEU A 110 -10.02 11.04 -9.96
CA LEU A 110 -11.04 10.03 -9.66
C LEU A 110 -11.55 9.30 -10.92
N ALA A 111 -10.63 8.89 -11.78
CA ALA A 111 -10.97 8.15 -12.99
C ALA A 111 -11.96 8.96 -13.86
N PRO A 112 -12.09 8.61 -15.11
CA PRO A 112 -13.01 9.32 -16.05
C PRO A 112 -14.44 9.40 -15.52
N THR A 113 -14.88 8.31 -14.90
CA THR A 113 -16.23 8.26 -14.33
C THR A 113 -16.20 7.53 -13.00
N SER A 114 -15.40 6.47 -12.94
CA SER A 114 -15.29 5.66 -11.73
C SER A 114 -16.61 4.99 -11.40
N THR A 115 -16.52 3.79 -10.84
CA THR A 115 -17.72 3.04 -10.47
C THR A 115 -17.89 2.98 -8.96
N ALA A 116 -17.05 3.72 -8.22
CA ALA A 116 -17.14 3.74 -6.77
C ALA A 116 -16.77 2.37 -6.21
N PHE A 117 -17.15 2.13 -4.96
CA PHE A 117 -16.86 0.85 -4.32
C PHE A 117 -17.71 -0.25 -4.93
N PRO A 118 -17.27 -1.49 -4.84
CA PRO A 118 -18.03 -2.64 -5.41
C PRO A 118 -19.48 -2.68 -4.93
N TYR A 119 -19.68 -2.91 -3.64
CA TYR A 119 -21.02 -2.97 -3.09
C TYR A 119 -21.19 -2.07 -1.87
N LEU A 120 -20.58 -2.49 -0.75
CA LEU A 120 -20.66 -1.75 0.51
C LEU A 120 -22.07 -1.21 0.75
N TYR A 121 -22.19 -0.19 1.60
CA TYR A 121 -23.50 0.38 1.89
C TYR A 121 -23.46 1.90 1.71
N SER A 122 -24.53 2.57 2.16
CA SER A 122 -24.60 4.03 2.01
C SER A 122 -23.33 4.69 2.53
N ASN A 123 -22.93 5.77 1.85
CA ASN A 123 -21.73 6.49 2.24
C ASN A 123 -21.94 7.23 3.57
N PRO A 124 -20.88 7.52 4.29
CA PRO A 124 -20.98 8.23 5.61
C PRO A 124 -21.73 9.55 5.50
N SER A 125 -22.53 9.85 6.52
CA SER A 125 -23.31 11.08 6.53
C SER A 125 -22.50 12.23 7.14
N GLY A 126 -21.30 11.94 7.64
CA GLY A 126 -20.46 12.97 8.23
C GLY A 126 -20.06 12.59 9.66
N MET A 127 -19.45 13.53 10.36
CA MET A 127 -19.03 13.28 11.74
C MET A 127 -18.09 12.08 11.80
N SER A 128 -17.20 11.98 10.82
CA SER A 128 -16.25 10.88 10.78
C SER A 128 -14.82 11.39 11.00
N GLY A 1 16.22 -23.28 17.41
CA GLY A 1 14.82 -22.85 17.72
C GLY A 1 14.61 -21.41 17.27
N LEU A 2 14.77 -21.17 15.98
CA LEU A 2 14.59 -19.83 15.42
C LEU A 2 14.17 -19.90 13.96
N THR A 3 13.38 -18.91 13.53
CA THR A 3 12.91 -18.87 12.16
C THR A 3 13.38 -17.58 11.48
N SER A 4 14.04 -17.73 10.34
CA SER A 4 14.53 -16.56 9.60
C SER A 4 13.38 -15.70 9.09
N LEU A 5 12.31 -16.36 8.67
CA LEU A 5 11.15 -15.66 8.14
C LEU A 5 10.51 -14.79 9.23
N GLN A 6 10.41 -15.33 10.44
CA GLN A 6 9.82 -14.57 11.54
C GLN A 6 10.65 -13.33 11.87
N GLN A 7 11.97 -13.51 11.93
CA GLN A 7 12.86 -12.40 12.24
C GLN A 7 12.85 -11.37 11.12
N GLN A 8 12.87 -11.85 9.87
CA GLN A 8 12.87 -10.98 8.72
C GLN A 8 11.56 -10.21 8.64
N LYS A 9 10.47 -10.91 8.91
CA LYS A 9 9.14 -10.33 8.87
C LYS A 9 8.95 -9.24 9.91
N GLN A 10 9.24 -9.57 11.17
CA GLN A 10 9.04 -8.63 12.25
C GLN A 10 9.89 -7.39 12.06
N ARG A 11 11.12 -7.57 11.61
CA ARG A 11 12.01 -6.43 11.39
C ARG A 11 11.37 -5.47 10.39
N LEU A 12 10.76 -6.05 9.37
CA LEU A 12 10.09 -5.25 8.33
C LEU A 12 9.00 -4.36 8.92
N ILE A 13 8.31 -4.87 9.93
CA ILE A 13 7.21 -4.12 10.54
C ILE A 13 7.72 -2.88 11.25
N GLU A 14 8.80 -3.06 11.99
CA GLU A 14 9.38 -1.98 12.77
C GLU A 14 9.87 -0.86 11.86
N SER A 15 10.59 -1.25 10.82
CA SER A 15 11.16 -0.30 9.90
C SER A 15 10.07 0.48 9.16
N LEU A 16 9.02 -0.22 8.74
CA LEU A 16 7.93 0.44 8.01
C LEU A 16 7.17 1.41 8.90
N ARG A 17 6.78 0.93 10.07
CA ARG A 17 6.03 1.76 11.00
C ARG A 17 6.88 2.92 11.44
N ASN A 18 8.14 2.63 11.69
CA ASN A 18 9.07 3.65 12.13
C ASN A 18 9.25 4.70 11.03
N SER A 19 9.33 4.22 9.79
CA SER A 19 9.49 5.09 8.64
C SER A 19 8.26 5.96 8.46
N HIS A 20 7.10 5.38 8.71
CA HIS A 20 5.85 6.09 8.55
C HIS A 20 5.12 6.28 9.88
N SER A 21 5.13 7.50 10.40
CA SER A 21 4.45 7.79 11.66
C SER A 21 2.93 7.76 11.50
N SER A 22 2.45 8.24 10.35
CA SER A 22 1.03 8.27 10.06
C SER A 22 0.45 6.86 9.92
N ILE A 23 1.28 5.95 9.41
CA ILE A 23 0.87 4.56 9.22
C ILE A 23 0.06 4.06 10.41
N ALA A 24 -1.05 3.38 10.13
CA ALA A 24 -1.91 2.86 11.18
C ALA A 24 -2.10 1.36 11.01
N GLU A 25 -2.14 0.65 12.13
CA GLU A 25 -2.31 -0.79 12.09
C GLU A 25 -3.80 -1.15 12.03
N ILE A 26 -4.19 -1.93 11.03
CA ILE A 26 -5.59 -2.32 10.87
C ILE A 26 -5.82 -3.71 11.45
N GLN A 27 -4.89 -4.59 11.12
CA GLN A 27 -4.97 -5.96 11.59
C GLN A 27 -4.00 -6.20 12.74
N LYS A 28 -2.77 -6.61 12.42
CA LYS A 28 -1.73 -6.86 13.41
C LYS A 28 -0.63 -7.66 12.72
N ASP A 29 0.42 -6.98 12.27
CA ASP A 29 1.51 -7.64 11.56
C ASP A 29 1.01 -8.22 10.23
N VAL A 30 -0.22 -7.85 9.83
CA VAL A 30 -0.80 -8.39 8.60
C VAL A 30 -1.30 -7.28 7.66
N GLU A 31 -1.97 -6.27 8.20
CA GLU A 31 -2.50 -5.20 7.35
C GLU A 31 -2.11 -3.81 7.86
N TYR A 32 -1.56 -3.00 6.96
CA TYR A 32 -1.15 -1.64 7.30
C TYR A 32 -1.79 -0.62 6.37
N ARG A 33 -2.19 0.52 6.93
CA ARG A 33 -2.83 1.58 6.14
C ARG A 33 -2.16 2.91 6.37
N LEU A 34 -1.77 3.56 5.29
CA LEU A 34 -1.14 4.87 5.38
C LEU A 34 -1.97 5.93 4.65
N PRO A 35 -2.41 6.98 5.31
CA PRO A 35 -3.19 8.05 4.66
C PRO A 35 -2.26 9.05 3.96
N PHE A 36 -2.65 9.47 2.75
CA PHE A 36 -1.83 10.39 2.00
C PHE A 36 -2.67 11.56 1.46
N THR A 37 -2.15 12.76 1.59
CA THR A 37 -2.88 13.94 1.11
C THR A 37 -2.08 14.69 0.05
N ILE A 38 -2.73 14.93 -1.09
CA ILE A 38 -2.09 15.63 -2.20
C ILE A 38 -3.10 16.48 -2.95
N ASN A 39 -2.73 17.71 -3.27
CA ASN A 39 -3.62 18.60 -4.00
C ASN A 39 -4.96 18.68 -3.28
N ASN A 40 -4.90 18.71 -1.95
CA ASN A 40 -6.10 18.78 -1.13
C ASN A 40 -6.97 17.54 -1.36
N LEU A 41 -6.32 16.42 -1.66
CA LEU A 41 -7.03 15.17 -1.89
C LEU A 41 -6.63 14.16 -0.87
N THR A 42 -7.59 13.51 -0.23
CA THR A 42 -7.25 12.52 0.77
C THR A 42 -7.44 11.11 0.24
N ILE A 43 -6.36 10.35 0.24
CA ILE A 43 -6.38 8.98 -0.23
C ILE A 43 -5.71 8.11 0.81
N ASN A 44 -5.79 6.81 0.63
CA ASN A 44 -5.14 5.92 1.58
C ASN A 44 -4.56 4.73 0.85
N ILE A 45 -3.46 4.25 1.39
CA ILE A 45 -2.79 3.10 0.83
C ILE A 45 -3.03 1.92 1.77
N ASN A 46 -3.67 0.89 1.23
CA ASN A 46 -3.96 -0.31 2.02
C ASN A 46 -2.91 -1.35 1.72
N ILE A 47 -2.31 -1.84 2.76
CA ILE A 47 -1.22 -2.78 2.63
C ILE A 47 -1.59 -4.14 3.21
N LEU A 48 -1.43 -5.18 2.43
CA LEU A 48 -1.74 -6.52 2.89
C LEU A 48 -0.49 -7.36 2.93
N LEU A 49 -0.30 -8.08 4.02
CA LEU A 49 0.87 -8.92 4.17
C LEU A 49 0.41 -10.39 4.13
N PRO A 50 0.70 -11.13 3.07
CA PRO A 50 0.24 -12.55 2.95
C PRO A 50 0.89 -13.45 4.00
N PRO A 51 0.40 -14.64 4.16
CA PRO A 51 0.93 -15.60 5.18
C PRO A 51 2.37 -15.99 4.86
N GLN A 52 2.76 -15.84 3.60
CA GLN A 52 4.10 -16.19 3.17
C GLN A 52 5.05 -14.99 3.31
N PHE A 53 4.47 -13.79 3.22
CA PHE A 53 5.24 -12.55 3.30
C PHE A 53 6.32 -12.61 4.40
N PRO A 54 7.43 -11.91 4.25
CA PRO A 54 7.72 -11.00 3.10
C PRO A 54 8.37 -11.73 1.91
N GLN A 55 8.39 -13.07 1.96
CA GLN A 55 8.95 -13.87 0.87
C GLN A 55 8.00 -13.88 -0.33
N GLU A 56 6.91 -13.14 -0.21
CA GLU A 56 5.92 -13.03 -1.24
C GLU A 56 5.51 -11.58 -1.36
N LYS A 57 5.03 -11.21 -2.53
CA LYS A 57 4.66 -9.82 -2.74
C LYS A 57 3.36 -9.49 -1.99
N PRO A 58 3.22 -8.27 -1.53
CA PRO A 58 2.02 -7.82 -0.79
C PRO A 58 0.91 -7.40 -1.73
N VAL A 59 -0.29 -7.24 -1.20
CA VAL A 59 -1.41 -6.81 -2.02
C VAL A 59 -1.76 -5.37 -1.68
N ILE A 60 -1.49 -4.48 -2.62
CA ILE A 60 -1.75 -3.05 -2.39
C ILE A 60 -2.93 -2.57 -3.22
N SER A 61 -3.87 -1.90 -2.55
CA SER A 61 -5.04 -1.34 -3.21
C SER A 61 -5.29 0.08 -2.71
N VAL A 62 -5.98 0.88 -3.50
CA VAL A 62 -6.27 2.27 -3.11
C VAL A 62 -7.74 2.59 -3.30
N TYR A 63 -8.29 3.38 -2.37
CA TYR A 63 -9.68 3.77 -2.45
C TYR A 63 -9.85 5.24 -1.96
N PRO A 64 -10.60 6.07 -2.66
CA PRO A 64 -11.30 5.70 -3.91
C PRO A 64 -10.31 5.53 -5.07
N PRO A 65 -10.55 4.60 -5.96
CA PRO A 65 -9.65 4.37 -7.13
C PRO A 65 -9.28 5.66 -7.83
N ILE A 66 -8.02 5.73 -8.22
CA ILE A 66 -7.46 6.91 -8.86
C ILE A 66 -6.81 6.58 -10.19
N ARG A 67 -6.63 7.60 -11.00
CA ARG A 67 -5.99 7.43 -12.30
C ARG A 67 -4.51 7.77 -12.17
N HIS A 68 -3.65 6.82 -12.57
CA HIS A 68 -2.21 7.04 -12.46
C HIS A 68 -1.50 6.02 -13.34
N HIS A 69 -0.35 6.39 -13.88
CA HIS A 69 0.41 5.48 -14.74
C HIS A 69 0.83 4.23 -13.99
N LEU A 70 0.91 4.31 -12.66
CA LEU A 70 1.31 3.17 -11.86
C LEU A 70 0.15 2.21 -11.72
N MET A 71 -1.02 2.74 -11.37
CA MET A 71 -2.19 1.93 -11.15
C MET A 71 -2.49 0.99 -12.31
N ASP A 72 -3.03 -0.18 -11.96
CA ASP A 72 -3.37 -1.19 -12.95
C ASP A 72 -4.55 -0.75 -13.79
N LYS A 73 -4.98 -1.61 -14.70
CA LYS A 73 -6.09 -1.31 -15.58
C LYS A 73 -7.34 -0.96 -14.79
N GLN A 74 -7.57 -1.69 -13.69
CA GLN A 74 -8.75 -1.44 -12.86
C GLN A 74 -8.57 -0.19 -12.00
N GLY A 75 -7.31 0.18 -11.77
CA GLY A 75 -7.02 1.35 -10.95
C GLY A 75 -7.30 1.09 -9.47
N VAL A 76 -7.51 -0.18 -9.12
CA VAL A 76 -7.75 -0.55 -7.73
C VAL A 76 -6.68 -1.49 -7.19
N TYR A 77 -6.25 -2.44 -8.03
CA TYR A 77 -5.25 -3.43 -7.64
C TYR A 77 -3.84 -2.86 -7.61
N VAL A 78 -3.65 -1.73 -8.28
CA VAL A 78 -2.34 -1.06 -8.33
C VAL A 78 -1.24 -1.98 -8.87
N THR A 79 -0.52 -1.52 -9.89
CA THR A 79 0.58 -2.32 -10.43
C THR A 79 1.77 -1.44 -10.79
N SER A 80 2.66 -1.23 -9.83
CA SER A 80 3.82 -0.38 -10.07
C SER A 80 5.10 -1.21 -10.00
N PRO A 81 6.14 -0.79 -10.70
CA PRO A 81 7.44 -1.51 -10.68
C PRO A 81 8.08 -1.47 -9.30
N LEU A 82 7.63 -0.52 -8.50
CA LEU A 82 8.14 -0.33 -7.15
C LEU A 82 7.86 -1.56 -6.28
N VAL A 83 6.67 -2.14 -6.45
CA VAL A 83 6.29 -3.32 -5.68
C VAL A 83 6.80 -4.59 -6.35
N ASN A 84 7.00 -4.53 -7.65
CA ASN A 84 7.47 -5.68 -8.40
C ASN A 84 8.86 -6.12 -7.94
N ASN A 85 9.73 -5.16 -7.63
CA ASN A 85 11.09 -5.49 -7.19
C ASN A 85 11.14 -5.76 -5.69
N PHE A 86 10.09 -6.35 -5.14
CA PHE A 86 10.04 -6.65 -3.71
C PHE A 86 11.06 -7.74 -3.36
N THR A 87 12.08 -7.36 -2.60
CA THR A 87 13.13 -8.30 -2.21
C THR A 87 13.10 -8.60 -0.71
N MET A 88 13.88 -9.61 -0.32
CA MET A 88 13.96 -10.02 1.08
C MET A 88 14.56 -8.90 1.94
N HIS A 89 15.57 -8.24 1.40
CA HIS A 89 16.24 -7.16 2.14
C HIS A 89 15.66 -5.79 1.77
N SER A 90 14.64 -5.77 0.92
CA SER A 90 14.03 -4.51 0.52
C SER A 90 13.27 -3.89 1.69
N ASP A 91 13.06 -2.58 1.62
CA ASP A 91 12.36 -1.86 2.68
C ASP A 91 10.90 -1.68 2.31
N LEU A 92 10.04 -2.37 3.04
CA LEU A 92 8.60 -2.29 2.80
C LEU A 92 8.12 -0.84 2.85
N GLY A 93 8.63 -0.08 3.81
CA GLY A 93 8.25 1.32 3.95
C GLY A 93 8.65 2.12 2.72
N LYS A 94 9.83 1.83 2.19
CA LYS A 94 10.32 2.51 1.01
C LYS A 94 9.39 2.26 -0.17
N ILE A 95 8.88 1.04 -0.27
CA ILE A 95 7.97 0.67 -1.35
C ILE A 95 6.75 1.56 -1.33
N ILE A 96 6.18 1.74 -0.13
CA ILE A 96 5.00 2.58 0.04
C ILE A 96 5.35 4.04 -0.16
N GLN A 97 6.50 4.42 0.36
CA GLN A 97 6.98 5.78 0.26
C GLN A 97 7.14 6.20 -1.21
N SER A 98 7.67 5.29 -2.01
CA SER A 98 7.86 5.57 -3.43
C SER A 98 6.52 5.79 -4.15
N LEU A 99 5.51 5.02 -3.75
CA LEU A 99 4.20 5.10 -4.38
C LEU A 99 3.58 6.50 -4.25
N LEU A 100 3.59 7.05 -3.04
CA LEU A 100 3.01 8.38 -2.85
C LEU A 100 3.92 9.45 -3.41
N ASP A 101 5.21 9.19 -3.43
CA ASP A 101 6.16 10.15 -3.97
C ASP A 101 5.87 10.39 -5.43
N GLU A 102 5.51 9.32 -6.13
CA GLU A 102 5.19 9.44 -7.55
C GLU A 102 3.94 10.31 -7.71
N PHE A 103 3.01 10.18 -6.78
CA PHE A 103 1.78 10.96 -6.82
C PHE A 103 2.10 12.44 -6.69
N TRP A 104 3.10 12.76 -5.86
CA TRP A 104 3.50 14.14 -5.66
C TRP A 104 3.89 14.79 -6.98
N LYS A 105 4.62 14.05 -7.80
CA LYS A 105 5.03 14.55 -9.10
C LYS A 105 3.82 14.86 -9.98
N ASN A 106 2.84 13.98 -9.91
CA ASN A 106 1.60 14.16 -10.69
C ASN A 106 0.40 13.70 -9.85
N PRO A 107 -0.31 14.60 -9.20
CA PRO A 107 -1.47 14.24 -8.34
C PRO A 107 -2.50 13.34 -9.05
N PRO A 108 -3.09 12.40 -8.34
CA PRO A 108 -4.10 11.45 -8.91
C PRO A 108 -5.43 12.12 -9.22
N VAL A 109 -6.23 11.43 -10.03
CA VAL A 109 -7.55 11.92 -10.40
C VAL A 109 -8.57 10.83 -10.11
N LEU A 110 -9.68 11.23 -9.48
CA LEU A 110 -10.72 10.27 -9.14
C LEU A 110 -11.18 9.51 -10.38
N ALA A 111 -11.07 8.20 -10.32
CA ALA A 111 -11.46 7.34 -11.43
C ALA A 111 -12.99 7.30 -11.57
N PRO A 112 -13.48 6.93 -12.73
CA PRO A 112 -14.95 6.85 -12.99
C PRO A 112 -15.63 5.73 -12.20
N THR A 113 -16.95 5.73 -12.19
CA THR A 113 -17.71 4.71 -11.46
C THR A 113 -17.18 3.32 -11.78
N SER A 114 -17.11 2.47 -10.77
CA SER A 114 -16.59 1.12 -10.94
C SER A 114 -17.34 0.38 -12.05
N THR A 115 -16.76 0.42 -13.24
CA THR A 115 -17.33 -0.26 -14.40
C THR A 115 -16.23 -0.64 -15.38
N ALA A 116 -15.03 -0.87 -14.83
CA ALA A 116 -13.88 -1.22 -15.65
C ALA A 116 -13.49 -0.03 -16.52
N PHE A 117 -12.42 -0.20 -17.28
CA PHE A 117 -11.96 0.87 -18.16
C PHE A 117 -12.57 0.71 -19.55
N PRO A 118 -12.71 1.78 -20.29
CA PRO A 118 -13.31 1.75 -21.66
C PRO A 118 -12.62 0.78 -22.61
N TYR A 119 -11.29 0.86 -22.69
CA TYR A 119 -10.54 0.00 -23.59
C TYR A 119 -9.44 -0.77 -22.86
N LEU A 120 -9.14 -0.34 -21.63
CA LEU A 120 -8.09 -0.95 -20.79
C LEU A 120 -6.96 -1.58 -21.61
N TYR A 121 -6.10 -0.72 -22.16
CA TYR A 121 -4.96 -1.19 -22.94
C TYR A 121 -3.69 -0.45 -22.52
N SER A 122 -2.56 -1.13 -22.65
CA SER A 122 -1.28 -0.52 -22.29
C SER A 122 -0.16 -1.09 -23.14
N ASN A 123 0.79 -0.23 -23.50
CA ASN A 123 1.91 -0.66 -24.32
C ASN A 123 3.23 -0.39 -23.59
N PRO A 124 3.62 -1.27 -22.70
CA PRO A 124 4.89 -1.11 -21.93
C PRO A 124 6.13 -1.32 -22.79
N SER A 125 7.22 -0.69 -22.41
CA SER A 125 8.47 -0.81 -23.15
C SER A 125 8.97 -2.25 -23.11
N GLY A 126 8.54 -3.00 -22.11
CA GLY A 126 8.94 -4.39 -21.96
C GLY A 126 10.20 -4.52 -21.11
N MET A 127 10.50 -5.74 -20.68
CA MET A 127 11.68 -5.97 -19.86
C MET A 127 12.95 -5.62 -20.63
N SER A 128 12.97 -5.95 -21.92
CA SER A 128 14.12 -5.67 -22.76
C SER A 128 14.05 -4.25 -23.31
N GLY A 1 11.13 -24.84 15.18
CA GLY A 1 11.14 -23.99 16.41
C GLY A 1 11.25 -22.53 16.03
N LEU A 2 12.44 -22.13 15.56
CA LEU A 2 12.65 -20.74 15.16
C LEU A 2 12.77 -20.65 13.65
N THR A 3 11.96 -19.78 13.04
CA THR A 3 11.98 -19.62 11.59
C THR A 3 12.46 -18.20 11.24
N SER A 4 13.43 -18.14 10.33
CA SER A 4 13.99 -16.86 9.89
C SER A 4 12.95 -15.98 9.22
N LEU A 5 12.04 -16.61 8.47
CA LEU A 5 11.01 -15.87 7.73
C LEU A 5 10.13 -15.03 8.66
N GLN A 6 9.62 -15.62 9.72
CA GLN A 6 8.75 -14.87 10.63
C GLN A 6 9.56 -13.80 11.36
N GLN A 7 10.83 -14.08 11.62
CA GLN A 7 11.69 -13.12 12.31
C GLN A 7 11.96 -11.92 11.40
N GLN A 8 12.18 -12.20 10.11
CA GLN A 8 12.45 -11.15 9.14
C GLN A 8 11.23 -10.25 8.97
N LYS A 9 10.05 -10.87 8.93
CA LYS A 9 8.81 -10.11 8.75
C LYS A 9 8.64 -9.14 9.91
N GLN A 10 8.93 -9.60 11.12
CA GLN A 10 8.80 -8.78 12.30
C GLN A 10 9.69 -7.53 12.19
N ARG A 11 10.88 -7.71 11.67
CA ARG A 11 11.81 -6.59 11.51
C ARG A 11 11.20 -5.56 10.57
N LEU A 12 10.53 -6.04 9.53
CA LEU A 12 9.89 -5.16 8.56
C LEU A 12 8.80 -4.32 9.23
N ILE A 13 8.08 -4.91 10.18
CA ILE A 13 6.98 -4.22 10.85
C ILE A 13 7.45 -2.98 11.62
N GLU A 14 8.48 -3.14 12.45
CA GLU A 14 8.96 -2.03 13.25
C GLU A 14 9.61 -0.96 12.39
N SER A 15 10.32 -1.38 11.34
CA SER A 15 10.97 -0.41 10.46
C SER A 15 9.93 0.45 9.76
N LEU A 16 8.92 -0.21 9.21
CA LEU A 16 7.85 0.47 8.49
C LEU A 16 7.07 1.42 9.38
N ARG A 17 6.61 0.90 10.52
CA ARG A 17 5.84 1.70 11.45
C ARG A 17 6.67 2.87 11.93
N ASN A 18 7.93 2.58 12.23
CA ASN A 18 8.83 3.61 12.71
C ASN A 18 9.03 4.66 11.62
N SER A 19 9.16 4.20 10.39
CA SER A 19 9.35 5.08 9.25
C SER A 19 8.13 5.95 9.03
N HIS A 20 6.96 5.34 9.24
CA HIS A 20 5.71 6.05 9.04
C HIS A 20 4.91 6.17 10.34
N SER A 21 4.87 7.39 10.87
CA SER A 21 4.12 7.65 12.10
C SER A 21 2.63 7.58 11.84
N SER A 22 2.20 8.09 10.69
CA SER A 22 0.79 8.10 10.31
C SER A 22 0.26 6.68 10.12
N ILE A 23 1.14 5.79 9.66
CA ILE A 23 0.76 4.40 9.44
C ILE A 23 -0.06 3.88 10.60
N ALA A 24 -1.17 3.21 10.30
CA ALA A 24 -2.04 2.67 11.34
C ALA A 24 -2.23 1.18 11.14
N GLU A 25 -2.28 0.44 12.24
CA GLU A 25 -2.46 -0.99 12.16
C GLU A 25 -3.95 -1.32 12.15
N ILE A 26 -4.40 -1.89 11.04
CA ILE A 26 -5.80 -2.26 10.87
C ILE A 26 -6.06 -3.63 11.45
N GLN A 27 -5.08 -4.50 11.24
CA GLN A 27 -5.18 -5.87 11.70
C GLN A 27 -4.29 -6.13 12.93
N LYS A 28 -3.09 -6.69 12.71
CA LYS A 28 -2.18 -7.01 13.81
C LYS A 28 -0.95 -7.73 13.27
N ASP A 29 -0.07 -6.99 12.57
CA ASP A 29 1.15 -7.53 11.97
C ASP A 29 0.86 -8.06 10.55
N VAL A 30 -0.34 -7.75 10.04
CA VAL A 30 -0.72 -8.21 8.70
C VAL A 30 -1.10 -7.04 7.79
N GLU A 31 -2.21 -6.39 8.09
CA GLU A 31 -2.70 -5.30 7.26
C GLU A 31 -2.34 -3.93 7.83
N TYR A 32 -1.72 -3.09 6.98
CA TYR A 32 -1.31 -1.75 7.38
C TYR A 32 -1.90 -0.70 6.44
N ARG A 33 -2.25 0.45 7.00
CA ARG A 33 -2.84 1.52 6.19
C ARG A 33 -2.16 2.86 6.46
N LEU A 34 -1.74 3.52 5.38
CA LEU A 34 -1.10 4.83 5.50
C LEU A 34 -1.90 5.89 4.74
N PRO A 35 -2.36 6.94 5.38
CA PRO A 35 -3.12 8.01 4.68
C PRO A 35 -2.18 8.99 3.98
N PHE A 36 -2.51 9.35 2.76
CA PHE A 36 -1.67 10.26 1.98
C PHE A 36 -2.52 11.37 1.38
N THR A 37 -2.04 12.61 1.49
CA THR A 37 -2.79 13.74 0.95
C THR A 37 -1.96 14.52 -0.07
N ILE A 38 -2.55 14.75 -1.24
CA ILE A 38 -1.87 15.48 -2.30
C ILE A 38 -2.87 16.31 -3.11
N ASN A 39 -2.52 17.55 -3.38
CA ASN A 39 -3.40 18.44 -4.14
C ASN A 39 -4.79 18.48 -3.50
N ASN A 40 -4.81 18.51 -2.18
CA ASN A 40 -6.07 18.54 -1.43
C ASN A 40 -6.87 17.27 -1.70
N LEU A 41 -6.18 16.21 -2.07
CA LEU A 41 -6.82 14.92 -2.34
C LEU A 41 -6.38 13.93 -1.29
N THR A 42 -7.33 13.26 -0.67
CA THR A 42 -6.97 12.29 0.36
C THR A 42 -7.18 10.87 -0.11
N ILE A 43 -6.11 10.08 -0.01
CA ILE A 43 -6.14 8.69 -0.40
C ILE A 43 -5.61 7.84 0.72
N ASN A 44 -5.87 6.55 0.66
CA ASN A 44 -5.36 5.66 1.68
C ASN A 44 -4.66 4.49 1.03
N ILE A 45 -3.46 4.23 1.49
CA ILE A 45 -2.68 3.14 0.96
C ILE A 45 -2.84 1.93 1.87
N ASN A 46 -3.41 0.86 1.32
CA ASN A 46 -3.64 -0.35 2.08
C ASN A 46 -2.54 -1.35 1.77
N ILE A 47 -2.00 -1.94 2.81
CA ILE A 47 -0.88 -2.85 2.65
C ILE A 47 -1.22 -4.22 3.23
N LEU A 48 -0.96 -5.28 2.47
CA LEU A 48 -1.24 -6.63 2.94
C LEU A 48 0.06 -7.40 3.09
N LEU A 49 0.20 -8.11 4.20
CA LEU A 49 1.39 -8.89 4.46
C LEU A 49 1.08 -10.39 4.49
N PRO A 50 1.35 -11.10 3.42
CA PRO A 50 1.09 -12.58 3.39
C PRO A 50 1.96 -13.30 4.42
N PRO A 51 1.65 -14.52 4.71
CA PRO A 51 2.42 -15.32 5.71
C PRO A 51 3.82 -15.59 5.20
N GLN A 52 3.91 -15.74 3.89
CA GLN A 52 5.17 -15.97 3.22
C GLN A 52 6.04 -14.70 3.25
N PHE A 53 5.37 -13.55 3.19
CA PHE A 53 6.04 -12.25 3.21
C PHE A 53 7.19 -12.25 4.22
N PRO A 54 8.30 -11.57 3.97
CA PRO A 54 8.56 -10.73 2.75
C PRO A 54 9.15 -11.53 1.59
N GLN A 55 9.04 -12.85 1.67
CA GLN A 55 9.55 -13.72 0.61
C GLN A 55 8.64 -13.70 -0.62
N GLU A 56 7.55 -12.94 -0.53
CA GLU A 56 6.62 -12.86 -1.63
C GLU A 56 6.11 -11.42 -1.75
N LYS A 57 5.52 -11.06 -2.88
CA LYS A 57 5.05 -9.70 -3.05
C LYS A 57 3.81 -9.44 -2.20
N PRO A 58 3.61 -8.23 -1.73
CA PRO A 58 2.42 -7.87 -0.91
C PRO A 58 1.26 -7.46 -1.80
N VAL A 59 0.10 -7.27 -1.19
CA VAL A 59 -1.07 -6.86 -1.95
C VAL A 59 -1.44 -5.44 -1.54
N ILE A 60 -1.20 -4.50 -2.44
CA ILE A 60 -1.48 -3.09 -2.16
C ILE A 60 -2.66 -2.58 -2.97
N SER A 61 -3.62 -1.98 -2.29
CA SER A 61 -4.81 -1.44 -2.94
C SER A 61 -5.00 0.02 -2.56
N VAL A 62 -5.65 0.78 -3.45
CA VAL A 62 -5.90 2.20 -3.21
C VAL A 62 -7.36 2.56 -3.49
N TYR A 63 -7.89 3.43 -2.65
CA TYR A 63 -9.26 3.90 -2.82
C TYR A 63 -9.35 5.35 -2.32
N PRO A 64 -10.16 6.18 -2.93
CA PRO A 64 -11.00 5.81 -4.10
C PRO A 64 -10.15 5.75 -5.37
N PRO A 65 -10.53 4.95 -6.33
CA PRO A 65 -9.78 4.81 -7.61
C PRO A 65 -9.32 6.14 -8.19
N ILE A 66 -8.07 6.13 -8.67
CA ILE A 66 -7.44 7.31 -9.24
C ILE A 66 -6.73 6.96 -10.54
N ARG A 67 -6.53 7.96 -11.39
CA ARG A 67 -5.83 7.73 -12.65
C ARG A 67 -4.32 7.88 -12.43
N HIS A 68 -3.56 6.87 -12.85
CA HIS A 68 -2.11 6.90 -12.68
C HIS A 68 -1.47 5.66 -13.30
N HIS A 69 -0.21 5.74 -13.67
CA HIS A 69 0.49 4.61 -14.27
C HIS A 69 0.73 3.50 -13.25
N LEU A 70 0.44 3.78 -11.97
CA LEU A 70 0.61 2.79 -10.92
C LEU A 70 -0.74 2.14 -10.59
N MET A 71 -1.81 2.65 -11.20
CA MET A 71 -3.15 2.13 -10.96
C MET A 71 -3.51 1.03 -11.96
N ASP A 72 -3.97 -0.11 -11.44
CA ASP A 72 -4.34 -1.22 -12.31
C ASP A 72 -5.53 -0.82 -13.19
N LYS A 73 -5.88 -1.70 -14.13
CA LYS A 73 -6.99 -1.41 -15.03
C LYS A 73 -8.27 -1.20 -14.23
N GLN A 74 -8.45 -2.00 -13.19
CA GLN A 74 -9.62 -1.90 -12.33
C GLN A 74 -9.66 -0.56 -11.60
N GLY A 75 -8.49 0.02 -11.39
CA GLY A 75 -8.40 1.30 -10.70
C GLY A 75 -8.61 1.12 -9.20
N VAL A 76 -8.58 -0.13 -8.75
CA VAL A 76 -8.74 -0.42 -7.32
C VAL A 76 -7.46 -0.99 -6.75
N TYR A 77 -6.81 -1.84 -7.53
CA TYR A 77 -5.56 -2.46 -7.09
C TYR A 77 -4.38 -1.69 -7.69
N VAL A 78 -3.31 -1.57 -6.91
CA VAL A 78 -2.12 -0.87 -7.37
C VAL A 78 -1.09 -1.85 -7.91
N THR A 79 -0.58 -1.59 -9.10
CA THR A 79 0.43 -2.46 -9.69
C THR A 79 1.52 -1.62 -10.36
N SER A 80 2.54 -1.30 -9.58
CA SER A 80 3.62 -0.47 -10.08
C SER A 80 4.96 -1.22 -10.01
N PRO A 81 5.95 -0.78 -10.77
CA PRO A 81 7.30 -1.43 -10.76
C PRO A 81 7.91 -1.43 -9.36
N LEU A 82 7.43 -0.52 -8.53
CA LEU A 82 7.93 -0.36 -7.17
C LEU A 82 7.70 -1.63 -6.35
N VAL A 83 6.53 -2.23 -6.55
CA VAL A 83 6.18 -3.45 -5.82
C VAL A 83 6.70 -4.68 -6.57
N ASN A 84 6.87 -4.53 -7.88
CA ASN A 84 7.35 -5.61 -8.72
C ASN A 84 8.75 -6.09 -8.30
N ASN A 85 9.62 -5.15 -7.94
CA ASN A 85 10.98 -5.50 -7.54
C ASN A 85 11.07 -5.86 -6.06
N PHE A 86 10.03 -6.48 -5.51
CA PHE A 86 10.03 -6.86 -4.10
C PHE A 86 11.01 -8.00 -3.83
N THR A 87 12.03 -7.70 -3.04
CA THR A 87 13.05 -8.69 -2.70
C THR A 87 13.43 -8.58 -1.21
N MET A 88 14.39 -9.39 -0.80
CA MET A 88 14.85 -9.40 0.60
C MET A 88 15.43 -8.05 1.00
N HIS A 89 16.15 -7.43 0.08
CA HIS A 89 16.79 -6.14 0.36
C HIS A 89 15.83 -4.98 0.07
N SER A 90 14.54 -5.27 -0.03
CA SER A 90 13.57 -4.23 -0.29
C SER A 90 12.81 -3.82 0.97
N ASP A 91 13.07 -2.61 1.42
CA ASP A 91 12.41 -2.09 2.62
C ASP A 91 10.95 -1.78 2.31
N LEU A 92 10.05 -2.40 3.06
CA LEU A 92 8.62 -2.20 2.84
C LEU A 92 8.25 -0.73 2.98
N GLY A 93 8.80 -0.08 3.99
CA GLY A 93 8.51 1.34 4.20
C GLY A 93 8.96 2.15 3.00
N LYS A 94 10.13 1.82 2.47
CA LYS A 94 10.67 2.50 1.30
C LYS A 94 9.73 2.32 0.11
N ILE A 95 9.21 1.11 -0.03
CA ILE A 95 8.29 0.80 -1.13
C ILE A 95 7.08 1.72 -1.05
N ILE A 96 6.56 1.88 0.17
CA ILE A 96 5.40 2.73 0.39
C ILE A 96 5.72 4.19 0.05
N GLN A 97 6.92 4.63 0.41
CA GLN A 97 7.33 6.01 0.16
C GLN A 97 7.32 6.30 -1.34
N SER A 98 7.82 5.36 -2.12
CA SER A 98 7.87 5.54 -3.57
C SER A 98 6.47 5.63 -4.17
N LEU A 99 5.52 4.92 -3.57
CA LEU A 99 4.14 4.92 -4.08
C LEU A 99 3.55 6.33 -4.09
N LEU A 100 3.61 7.00 -2.95
CA LEU A 100 3.06 8.34 -2.85
C LEU A 100 3.96 9.35 -3.54
N ASP A 101 5.25 9.07 -3.55
CA ASP A 101 6.19 9.97 -4.19
C ASP A 101 5.87 10.11 -5.67
N GLU A 102 5.49 8.99 -6.28
CA GLU A 102 5.14 9.00 -7.68
C GLU A 102 3.91 9.89 -7.89
N PHE A 103 3.01 9.88 -6.92
CA PHE A 103 1.80 10.69 -6.99
C PHE A 103 2.15 12.17 -6.89
N TRP A 104 3.21 12.49 -6.15
CA TRP A 104 3.62 13.87 -6.00
C TRP A 104 3.99 14.48 -7.35
N LYS A 105 4.71 13.73 -8.18
CA LYS A 105 5.10 14.22 -9.49
C LYS A 105 3.87 14.54 -10.32
N ASN A 106 2.80 13.82 -10.05
CA ASN A 106 1.56 13.99 -10.79
C ASN A 106 0.36 13.66 -9.90
N PRO A 107 -0.28 14.64 -9.30
CA PRO A 107 -1.45 14.39 -8.40
C PRO A 107 -2.51 13.49 -9.05
N PRO A 108 -3.09 12.57 -8.31
CA PRO A 108 -4.12 11.63 -8.84
C PRO A 108 -5.43 12.31 -9.16
N VAL A 109 -6.19 11.69 -10.05
CA VAL A 109 -7.50 12.20 -10.44
C VAL A 109 -8.53 11.09 -10.37
N LEU A 110 -9.68 11.41 -9.79
CA LEU A 110 -10.74 10.41 -9.68
C LEU A 110 -11.02 9.82 -11.05
N ALA A 111 -10.92 8.50 -11.14
CA ALA A 111 -11.13 7.82 -12.42
C ALA A 111 -12.58 7.97 -12.89
N PRO A 112 -12.81 7.92 -14.18
CA PRO A 112 -14.19 8.07 -14.75
C PRO A 112 -15.09 6.89 -14.42
N THR A 113 -14.49 5.76 -14.08
CA THR A 113 -15.25 4.56 -13.75
C THR A 113 -15.02 4.14 -12.30
N SER A 114 -16.12 3.97 -11.57
CA SER A 114 -16.05 3.56 -10.17
C SER A 114 -17.30 2.78 -9.80
N THR A 115 -17.12 1.71 -9.02
CA THR A 115 -18.27 0.90 -8.60
C THR A 115 -18.31 0.75 -7.09
N ALA A 116 -17.46 -0.11 -6.54
CA ALA A 116 -17.43 -0.35 -5.11
C ALA A 116 -16.15 -1.08 -4.71
N PHE A 117 -15.96 -1.23 -3.40
CA PHE A 117 -14.78 -1.92 -2.89
C PHE A 117 -14.73 -3.35 -3.41
N PRO A 118 -13.58 -3.98 -3.31
CA PRO A 118 -13.39 -5.39 -3.78
C PRO A 118 -14.43 -6.34 -3.19
N TYR A 119 -14.74 -6.15 -1.90
CA TYR A 119 -15.72 -6.99 -1.22
C TYR A 119 -16.91 -6.16 -0.72
N LEU A 120 -16.73 -4.83 -0.67
CA LEU A 120 -17.76 -3.88 -0.20
C LEU A 120 -18.70 -4.50 0.84
N TYR A 121 -18.21 -4.62 2.07
CA TYR A 121 -19.03 -5.17 3.15
C TYR A 121 -18.98 -4.27 4.38
N SER A 122 -19.93 -3.33 4.46
CA SER A 122 -19.99 -2.41 5.59
C SER A 122 -21.39 -2.40 6.19
N ASN A 123 -21.46 -2.23 7.51
CA ASN A 123 -22.76 -2.20 8.18
C ASN A 123 -23.49 -0.90 7.88
N PRO A 124 -24.81 -0.92 7.85
CA PRO A 124 -25.61 0.30 7.56
C PRO A 124 -25.49 1.35 8.66
N SER A 125 -25.28 0.89 9.88
CA SER A 125 -25.16 1.80 11.02
C SER A 125 -23.70 1.93 11.48
N GLY A 126 -22.83 1.09 10.93
CA GLY A 126 -21.42 1.12 11.31
C GLY A 126 -21.19 0.39 12.63
N MET A 127 -19.98 0.52 13.18
CA MET A 127 -19.66 -0.13 14.44
C MET A 127 -20.01 -1.62 14.37
N SER A 128 -19.88 -2.31 15.50
CA SER A 128 -20.18 -3.73 15.55
C SER A 128 -21.67 -3.97 15.36
N GLY A 1 11.39 -23.81 18.79
CA GLY A 1 10.33 -23.27 17.90
C GLY A 1 10.78 -21.94 17.32
N LEU A 2 11.92 -21.96 16.62
CA LEU A 2 12.45 -20.76 16.01
C LEU A 2 12.32 -20.82 14.49
N THR A 3 11.65 -19.82 13.92
CA THR A 3 11.46 -19.77 12.47
C THR A 3 12.10 -18.51 11.91
N SER A 4 12.93 -18.68 10.87
CA SER A 4 13.60 -17.54 10.25
C SER A 4 12.61 -16.55 9.67
N LEU A 5 11.60 -17.07 8.99
CA LEU A 5 10.58 -16.21 8.37
C LEU A 5 9.83 -15.42 9.44
N GLN A 6 9.52 -16.06 10.56
CA GLN A 6 8.80 -15.38 11.63
C GLN A 6 9.65 -14.23 12.19
N GLN A 7 10.92 -14.49 12.40
CA GLN A 7 11.83 -13.47 12.93
C GLN A 7 12.01 -12.36 11.91
N GLN A 8 12.13 -12.74 10.64
CA GLN A 8 12.31 -11.78 9.56
C GLN A 8 11.06 -10.90 9.43
N LYS A 9 9.90 -11.53 9.59
CA LYS A 9 8.63 -10.82 9.49
C LYS A 9 8.55 -9.69 10.49
N GLN A 10 8.92 -9.95 11.74
CA GLN A 10 8.83 -8.93 12.75
C GLN A 10 9.71 -7.74 12.39
N ARG A 11 10.87 -8.02 11.81
CA ARG A 11 11.78 -6.96 11.40
C ARG A 11 11.10 -6.07 10.36
N LEU A 12 10.33 -6.69 9.48
CA LEU A 12 9.61 -5.97 8.44
C LEU A 12 8.58 -5.01 9.07
N ILE A 13 7.93 -5.46 10.14
CA ILE A 13 6.88 -4.66 10.79
C ILE A 13 7.41 -3.34 11.37
N GLU A 14 8.49 -3.40 12.14
CA GLU A 14 9.02 -2.19 12.78
C GLU A 14 9.66 -1.24 11.77
N SER A 15 10.28 -1.80 10.73
CA SER A 15 10.92 -0.97 9.71
C SER A 15 9.88 -0.16 8.93
N LEU A 16 8.72 -0.78 8.71
CA LEU A 16 7.63 -0.15 7.98
C LEU A 16 7.06 0.99 8.80
N ARG A 17 6.89 0.72 10.08
CA ARG A 17 6.36 1.68 11.01
C ARG A 17 7.29 2.87 11.14
N ASN A 18 8.58 2.58 11.21
CA ASN A 18 9.59 3.63 11.34
C ASN A 18 9.55 4.55 10.13
N SER A 19 9.36 3.94 8.96
CA SER A 19 9.31 4.69 7.72
C SER A 19 8.13 5.65 7.74
N HIS A 20 7.01 5.17 8.27
CA HIS A 20 5.80 5.98 8.31
C HIS A 20 5.26 6.15 9.73
N SER A 21 5.33 7.36 10.23
CA SER A 21 4.82 7.67 11.56
C SER A 21 3.28 7.64 11.56
N SER A 22 2.69 8.15 10.48
CA SER A 22 1.24 8.22 10.33
C SER A 22 0.62 6.83 10.16
N ILE A 23 1.41 5.90 9.60
CA ILE A 23 0.95 4.53 9.38
C ILE A 23 0.07 4.04 10.52
N ALA A 24 -1.10 3.50 10.18
CA ALA A 24 -2.04 3.01 11.18
C ALA A 24 -2.23 1.52 11.04
N GLU A 25 -2.46 0.85 12.16
CA GLU A 25 -2.67 -0.59 12.15
C GLU A 25 -4.15 -0.91 12.05
N ILE A 26 -4.52 -1.70 11.05
CA ILE A 26 -5.93 -2.06 10.84
C ILE A 26 -6.21 -3.42 11.44
N GLN A 27 -5.28 -4.34 11.21
CA GLN A 27 -5.42 -5.70 11.69
C GLN A 27 -4.48 -5.94 12.88
N LYS A 28 -3.25 -6.40 12.60
CA LYS A 28 -2.25 -6.67 13.61
C LYS A 28 -1.11 -7.45 12.97
N ASP A 29 0.00 -6.78 12.69
CA ASP A 29 1.13 -7.42 12.05
C ASP A 29 0.74 -7.97 10.67
N VAL A 30 -0.44 -7.57 10.17
CA VAL A 30 -0.90 -8.06 8.87
C VAL A 30 -1.22 -6.92 7.91
N GLU A 31 -2.32 -6.23 8.18
CA GLU A 31 -2.77 -5.14 7.31
C GLU A 31 -2.35 -3.78 7.83
N TYR A 32 -1.73 -2.98 6.96
CA TYR A 32 -1.27 -1.65 7.32
C TYR A 32 -1.84 -0.59 6.38
N ARG A 33 -2.14 0.58 6.93
CA ARG A 33 -2.71 1.66 6.13
C ARG A 33 -2.01 2.99 6.40
N LEU A 34 -1.64 3.69 5.34
CA LEU A 34 -1.00 4.99 5.50
C LEU A 34 -1.78 6.10 4.77
N PRO A 35 -2.41 7.01 5.49
CA PRO A 35 -3.15 8.13 4.86
C PRO A 35 -2.21 9.08 4.12
N PHE A 36 -2.59 9.49 2.92
CA PHE A 36 -1.76 10.39 2.13
C PHE A 36 -2.62 11.49 1.52
N THR A 37 -2.13 12.73 1.58
CA THR A 37 -2.91 13.85 1.03
C THR A 37 -2.13 14.60 -0.05
N ILE A 38 -2.80 14.83 -1.17
CA ILE A 38 -2.19 15.54 -2.29
C ILE A 38 -3.25 16.35 -3.05
N ASN A 39 -2.91 17.59 -3.41
CA ASN A 39 -3.85 18.43 -4.12
C ASN A 39 -5.18 18.49 -3.38
N ASN A 40 -5.08 18.58 -2.05
CA ASN A 40 -6.26 18.63 -1.19
C ASN A 40 -7.11 17.36 -1.36
N LEU A 41 -6.45 16.26 -1.71
CA LEU A 41 -7.13 14.98 -1.89
C LEU A 41 -6.62 13.99 -0.88
N THR A 42 -7.52 13.29 -0.20
CA THR A 42 -7.07 12.31 0.78
C THR A 42 -7.28 10.90 0.26
N ILE A 43 -6.20 10.14 0.27
CA ILE A 43 -6.22 8.76 -0.19
C ILE A 43 -5.65 7.87 0.89
N ASN A 44 -5.87 6.58 0.77
CA ASN A 44 -5.33 5.67 1.75
C ASN A 44 -4.63 4.52 1.06
N ILE A 45 -3.41 4.27 1.51
CA ILE A 45 -2.60 3.20 0.96
C ILE A 45 -2.71 2.00 1.88
N ASN A 46 -3.21 0.89 1.37
CA ASN A 46 -3.36 -0.31 2.18
C ASN A 46 -2.30 -1.32 1.82
N ILE A 47 -1.80 -2.00 2.81
CA ILE A 47 -0.71 -2.95 2.63
C ILE A 47 -1.08 -4.29 3.26
N LEU A 48 -0.96 -5.38 2.51
CA LEU A 48 -1.29 -6.69 3.06
C LEU A 48 -0.01 -7.50 3.25
N LEU A 49 0.11 -8.13 4.40
CA LEU A 49 1.28 -8.94 4.70
C LEU A 49 0.91 -10.42 4.76
N PRO A 50 1.16 -11.16 3.71
CA PRO A 50 0.83 -12.62 3.69
C PRO A 50 1.75 -13.41 4.61
N PRO A 51 1.42 -14.63 4.90
CA PRO A 51 2.24 -15.49 5.81
C PRO A 51 3.62 -15.74 5.24
N GLN A 52 3.72 -15.78 3.91
CA GLN A 52 4.99 -16.00 3.25
C GLN A 52 5.87 -14.75 3.35
N PHE A 53 5.22 -13.59 3.35
CA PHE A 53 5.91 -12.31 3.43
C PHE A 53 7.07 -12.36 4.45
N PRO A 54 8.21 -11.73 4.18
CA PRO A 54 8.50 -10.94 2.94
C PRO A 54 9.07 -11.78 1.79
N GLN A 55 9.04 -13.10 1.93
CA GLN A 55 9.52 -13.98 0.86
C GLN A 55 8.54 -13.98 -0.32
N GLU A 56 7.45 -13.25 -0.15
CA GLU A 56 6.43 -13.14 -1.16
C GLU A 56 6.00 -11.69 -1.27
N LYS A 57 5.43 -11.31 -2.39
CA LYS A 57 5.03 -9.91 -2.54
C LYS A 57 3.74 -9.63 -1.77
N PRO A 58 3.52 -8.38 -1.41
CA PRO A 58 2.33 -7.96 -0.65
C PRO A 58 1.20 -7.56 -1.56
N VAL A 59 0.03 -7.34 -1.00
CA VAL A 59 -1.10 -6.91 -1.79
C VAL A 59 -1.35 -5.43 -1.55
N ILE A 60 -1.14 -4.64 -2.58
CA ILE A 60 -1.26 -3.19 -2.47
C ILE A 60 -2.50 -2.70 -3.21
N SER A 61 -3.39 -2.04 -2.50
CA SER A 61 -4.61 -1.50 -3.10
C SER A 61 -4.87 -0.09 -2.58
N VAL A 62 -5.64 0.68 -3.36
CA VAL A 62 -5.94 2.06 -2.99
C VAL A 62 -7.41 2.38 -3.17
N TYR A 63 -7.95 3.19 -2.26
CA TYR A 63 -9.34 3.60 -2.34
C TYR A 63 -9.46 5.04 -1.81
N PRO A 64 -10.29 5.89 -2.41
CA PRO A 64 -11.11 5.55 -3.60
C PRO A 64 -10.21 5.42 -4.85
N PRO A 65 -10.56 4.57 -5.78
CA PRO A 65 -9.75 4.36 -7.02
C PRO A 65 -9.38 5.67 -7.71
N ILE A 66 -8.15 5.69 -8.20
CA ILE A 66 -7.58 6.85 -8.85
C ILE A 66 -6.95 6.52 -10.20
N ARG A 67 -6.72 7.56 -11.00
CA ARG A 67 -6.11 7.39 -12.31
C ARG A 67 -4.62 7.71 -12.22
N HIS A 68 -3.79 6.78 -12.64
CA HIS A 68 -2.35 6.99 -12.59
C HIS A 68 -1.64 5.94 -13.44
N HIS A 69 -0.47 6.28 -13.98
CA HIS A 69 0.25 5.34 -14.82
C HIS A 69 0.66 4.10 -14.03
N LEU A 70 0.74 4.24 -12.70
CA LEU A 70 1.12 3.12 -11.84
C LEU A 70 -0.02 2.12 -11.77
N MET A 71 -1.21 2.65 -11.53
CA MET A 71 -2.42 1.84 -11.38
C MET A 71 -2.68 0.96 -12.58
N ASP A 72 -3.26 -0.22 -12.30
CA ASP A 72 -3.58 -1.17 -13.35
C ASP A 72 -4.71 -0.64 -14.22
N LYS A 73 -5.13 -1.43 -15.20
CA LYS A 73 -6.20 -1.02 -16.10
C LYS A 73 -7.48 -0.74 -15.31
N GLN A 74 -7.77 -1.59 -14.33
CA GLN A 74 -8.96 -1.44 -13.50
C GLN A 74 -8.95 -0.15 -12.70
N GLY A 75 -7.76 0.35 -12.39
CA GLY A 75 -7.63 1.58 -11.62
C GLY A 75 -7.89 1.36 -10.13
N VAL A 76 -7.98 0.10 -9.73
CA VAL A 76 -8.20 -0.22 -8.32
C VAL A 76 -6.97 -0.92 -7.77
N TYR A 77 -6.46 -1.87 -8.53
CA TYR A 77 -5.27 -2.60 -8.13
C TYR A 77 -4.03 -1.81 -8.53
N VAL A 78 -3.09 -1.66 -7.60
CA VAL A 78 -1.86 -0.94 -7.88
C VAL A 78 -0.82 -1.89 -8.42
N THR A 79 -0.24 -1.55 -9.57
CA THR A 79 0.80 -2.40 -10.14
C THR A 79 1.95 -1.53 -10.63
N SER A 80 2.90 -1.27 -9.74
CA SER A 80 4.03 -0.43 -10.08
C SER A 80 5.34 -1.20 -9.89
N PRO A 81 6.38 -0.81 -10.58
CA PRO A 81 7.70 -1.48 -10.46
C PRO A 81 8.28 -1.33 -9.05
N LEU A 82 7.77 -0.33 -8.33
CA LEU A 82 8.23 -0.06 -6.98
C LEU A 82 7.93 -1.26 -6.08
N VAL A 83 6.75 -1.84 -6.28
CA VAL A 83 6.33 -3.00 -5.51
C VAL A 83 6.82 -4.29 -6.17
N ASN A 84 6.97 -4.23 -7.49
CA ASN A 84 7.43 -5.41 -8.24
C ASN A 84 8.80 -5.87 -7.78
N ASN A 85 9.69 -4.91 -7.50
CA ASN A 85 11.06 -5.25 -7.07
C ASN A 85 11.13 -5.62 -5.59
N PHE A 86 10.08 -6.26 -5.07
CA PHE A 86 10.06 -6.64 -3.67
C PHE A 86 10.95 -7.85 -3.41
N THR A 87 12.00 -7.64 -2.63
CA THR A 87 12.95 -8.71 -2.30
C THR A 87 13.33 -8.65 -0.83
N MET A 88 14.29 -9.49 -0.44
CA MET A 88 14.74 -9.55 0.95
C MET A 88 15.34 -8.22 1.40
N HIS A 89 16.05 -7.56 0.48
CA HIS A 89 16.70 -6.30 0.80
C HIS A 89 15.82 -5.11 0.44
N SER A 90 14.51 -5.33 0.37
CA SER A 90 13.59 -4.25 0.03
C SER A 90 12.92 -3.69 1.28
N ASP A 91 12.89 -2.37 1.37
CA ASP A 91 12.26 -1.69 2.50
C ASP A 91 10.79 -1.44 2.18
N LEU A 92 9.92 -2.16 2.86
CA LEU A 92 8.49 -2.05 2.63
C LEU A 92 8.04 -0.59 2.68
N GLY A 93 8.47 0.13 3.70
CA GLY A 93 8.08 1.53 3.84
C GLY A 93 8.58 2.37 2.66
N LYS A 94 9.77 2.06 2.19
CA LYS A 94 10.33 2.80 1.05
C LYS A 94 9.40 2.67 -0.16
N ILE A 95 8.90 1.47 -0.39
CA ILE A 95 7.99 1.25 -1.51
C ILE A 95 6.82 2.21 -1.43
N ILE A 96 6.27 2.35 -0.23
CA ILE A 96 5.15 3.25 0.00
C ILE A 96 5.54 4.70 -0.28
N GLN A 97 6.75 5.08 0.17
CA GLN A 97 7.20 6.45 -0.04
C GLN A 97 7.26 6.76 -1.52
N SER A 98 7.76 5.80 -2.29
CA SER A 98 7.86 5.98 -3.73
C SER A 98 6.47 6.13 -4.36
N LEU A 99 5.51 5.36 -3.85
CA LEU A 99 4.15 5.38 -4.37
C LEU A 99 3.52 6.77 -4.28
N LEU A 100 3.59 7.39 -3.10
CA LEU A 100 2.99 8.71 -2.92
C LEU A 100 3.85 9.76 -3.59
N ASP A 101 5.16 9.52 -3.63
CA ASP A 101 6.05 10.46 -4.26
C ASP A 101 5.69 10.60 -5.74
N GLU A 102 5.33 9.49 -6.35
CA GLU A 102 4.94 9.49 -7.75
C GLU A 102 3.67 10.33 -7.91
N PHE A 103 2.79 10.25 -6.92
CA PHE A 103 1.54 11.03 -6.95
C PHE A 103 1.87 12.51 -6.87
N TRP A 104 2.88 12.86 -6.08
CA TRP A 104 3.27 14.25 -5.95
C TRP A 104 3.64 14.83 -7.30
N LYS A 105 4.36 14.06 -8.10
CA LYS A 105 4.75 14.50 -9.43
C LYS A 105 3.51 14.74 -10.28
N ASN A 106 2.57 13.82 -10.18
CA ASN A 106 1.33 13.90 -10.93
C ASN A 106 0.15 13.51 -10.03
N PRO A 107 -0.52 14.46 -9.41
CA PRO A 107 -1.66 14.14 -8.50
C PRO A 107 -2.71 13.23 -9.15
N PRO A 108 -3.27 12.31 -8.40
CA PRO A 108 -4.29 11.35 -8.93
C PRO A 108 -5.63 12.00 -9.22
N VAL A 109 -6.43 11.33 -10.02
CA VAL A 109 -7.75 11.81 -10.37
C VAL A 109 -8.77 10.72 -10.08
N LEU A 110 -9.86 11.11 -9.43
CA LEU A 110 -10.91 10.18 -9.10
C LEU A 110 -11.45 9.52 -10.37
N ALA A 111 -10.92 8.35 -10.67
CA ALA A 111 -11.33 7.61 -11.86
C ALA A 111 -12.83 7.28 -11.83
N PRO A 112 -13.33 6.71 -10.76
CA PRO A 112 -14.79 6.35 -10.65
C PRO A 112 -15.69 7.57 -10.88
N THR A 113 -16.80 7.33 -11.58
CA THR A 113 -17.74 8.40 -11.88
C THR A 113 -19.17 7.84 -11.92
N SER A 114 -19.43 6.86 -11.07
CA SER A 114 -20.74 6.23 -11.03
C SER A 114 -21.06 5.76 -9.60
N THR A 115 -21.99 4.81 -9.49
CA THR A 115 -22.38 4.29 -8.19
C THR A 115 -21.37 3.23 -7.69
N ALA A 116 -20.30 3.01 -8.46
CA ALA A 116 -19.28 2.03 -8.09
C ALA A 116 -19.82 0.60 -8.24
N PHE A 117 -19.19 -0.35 -7.55
CA PHE A 117 -19.62 -1.74 -7.64
C PHE A 117 -21.06 -1.91 -7.16
N PRO A 118 -21.68 -3.01 -7.50
CA PRO A 118 -23.09 -3.30 -7.11
C PRO A 118 -23.31 -3.18 -5.61
N TYR A 119 -22.59 -3.99 -4.83
CA TYR A 119 -22.73 -3.97 -3.37
C TYR A 119 -21.39 -3.80 -2.68
N LEU A 120 -20.46 -4.71 -2.98
CA LEU A 120 -19.13 -4.66 -2.37
C LEU A 120 -19.24 -4.92 -0.87
N TYR A 121 -18.42 -5.84 -0.39
CA TYR A 121 -18.42 -6.20 1.02
C TYR A 121 -17.01 -6.57 1.47
N SER A 122 -16.78 -6.52 2.78
CA SER A 122 -15.46 -6.85 3.33
C SER A 122 -15.44 -8.27 3.88
N ASN A 123 -14.54 -9.08 3.36
CA ASN A 123 -14.41 -10.46 3.81
C ASN A 123 -13.00 -10.72 4.35
N PRO A 124 -12.82 -11.75 5.13
CA PRO A 124 -11.48 -12.08 5.71
C PRO A 124 -10.42 -12.26 4.63
N SER A 125 -9.22 -11.77 4.90
CA SER A 125 -8.12 -11.88 3.94
C SER A 125 -7.77 -13.34 3.70
N GLY A 126 -7.78 -14.14 4.76
CA GLY A 126 -7.46 -15.56 4.66
C GLY A 126 -5.96 -15.78 4.77
N MET A 127 -5.56 -17.05 4.80
CA MET A 127 -4.14 -17.39 4.90
C MET A 127 -3.49 -16.62 6.04
N SER A 128 -4.20 -16.48 7.14
CA SER A 128 -3.67 -15.75 8.30
C SER A 128 -3.32 -14.32 7.91
N GLY A 1 16.71 -16.07 13.99
CA GLY A 1 17.18 -17.19 14.86
C GLY A 1 16.91 -18.52 14.17
N LEU A 2 15.96 -19.27 14.72
CA LEU A 2 15.61 -20.58 14.15
C LEU A 2 15.05 -20.40 12.74
N THR A 3 14.21 -19.37 12.56
CA THR A 3 13.62 -19.12 11.26
C THR A 3 13.99 -17.72 10.77
N SER A 4 14.51 -17.65 9.55
CA SER A 4 14.90 -16.38 8.95
C SER A 4 13.68 -15.50 8.67
N LEU A 5 12.59 -16.13 8.24
CA LEU A 5 11.37 -15.39 7.88
C LEU A 5 10.81 -14.58 9.04
N GLN A 6 10.74 -15.14 10.24
CA GLN A 6 10.18 -14.40 11.35
C GLN A 6 11.09 -13.22 11.68
N GLN A 7 12.38 -13.40 11.51
CA GLN A 7 13.34 -12.34 11.77
C GLN A 7 13.23 -11.24 10.71
N GLN A 8 13.09 -11.66 9.46
CA GLN A 8 12.98 -10.73 8.34
C GLN A 8 11.66 -9.96 8.40
N LYS A 9 10.59 -10.67 8.71
CA LYS A 9 9.25 -10.08 8.79
C LYS A 9 9.21 -8.96 9.84
N GLN A 10 9.72 -9.24 11.03
CA GLN A 10 9.69 -8.27 12.11
C GLN A 10 10.43 -7.00 11.70
N ARG A 11 11.53 -7.15 10.99
CA ARG A 11 12.32 -6.02 10.53
C ARG A 11 11.51 -5.14 9.59
N LEU A 12 10.70 -5.77 8.74
CA LEU A 12 9.88 -5.05 7.77
C LEU A 12 8.85 -4.14 8.42
N ILE A 13 8.06 -4.71 9.30
CA ILE A 13 6.98 -3.98 9.97
C ILE A 13 7.49 -2.91 10.92
N GLU A 14 8.49 -3.23 11.73
CA GLU A 14 9.01 -2.25 12.66
C GLU A 14 9.57 -1.05 11.90
N SER A 15 10.17 -1.33 10.74
CA SER A 15 10.71 -0.27 9.89
C SER A 15 9.56 0.57 9.33
N LEU A 16 8.51 -0.13 8.92
CA LEU A 16 7.32 0.49 8.33
C LEU A 16 6.67 1.46 9.32
N ARG A 17 6.33 0.94 10.49
CA ARG A 17 5.67 1.75 11.52
C ARG A 17 6.56 2.90 11.95
N ASN A 18 7.82 2.60 12.20
CA ASN A 18 8.76 3.61 12.63
C ASN A 18 8.90 4.70 11.57
N SER A 19 8.96 4.25 10.31
CA SER A 19 9.10 5.16 9.19
C SER A 19 7.84 6.01 9.05
N HIS A 20 6.70 5.39 9.30
CA HIS A 20 5.43 6.07 9.18
C HIS A 20 4.70 6.22 10.51
N SER A 21 4.68 7.43 11.03
CA SER A 21 3.99 7.70 12.29
C SER A 21 2.47 7.60 12.10
N SER A 22 2.00 8.09 10.96
CA SER A 22 0.56 8.07 10.65
C SER A 22 0.07 6.64 10.42
N ILE A 23 0.94 5.79 9.87
CA ILE A 23 0.59 4.39 9.61
C ILE A 23 -0.21 3.80 10.77
N ALA A 24 -1.28 3.09 10.43
CA ALA A 24 -2.12 2.48 11.44
C ALA A 24 -2.34 1.00 11.15
N GLU A 25 -2.50 0.21 12.21
CA GLU A 25 -2.71 -1.21 12.06
C GLU A 25 -4.20 -1.51 11.88
N ILE A 26 -4.52 -2.30 10.85
CA ILE A 26 -5.90 -2.67 10.58
C ILE A 26 -6.16 -4.05 11.15
N GLN A 27 -5.18 -4.92 10.95
CA GLN A 27 -5.25 -6.28 11.44
C GLN A 27 -4.32 -6.45 12.64
N LYS A 28 -3.05 -6.79 12.36
CA LYS A 28 -2.02 -6.99 13.38
C LYS A 28 -0.87 -7.77 12.76
N ASP A 29 0.26 -7.12 12.53
CA ASP A 29 1.41 -7.79 11.91
C ASP A 29 1.08 -8.16 10.46
N VAL A 30 -0.06 -7.68 9.94
CA VAL A 30 -0.47 -8.03 8.57
C VAL A 30 -0.85 -6.81 7.72
N GLU A 31 -1.97 -6.18 8.06
CA GLU A 31 -2.48 -5.07 7.24
C GLU A 31 -2.10 -3.69 7.80
N TYR A 32 -1.55 -2.85 6.91
CA TYR A 32 -1.13 -1.51 7.27
C TYR A 32 -1.76 -0.46 6.36
N ARG A 33 -2.10 0.69 6.95
CA ARG A 33 -2.72 1.77 6.18
C ARG A 33 -2.07 3.12 6.48
N LEU A 34 -1.74 3.86 5.43
CA LEU A 34 -1.12 5.17 5.59
C LEU A 34 -1.94 6.26 4.87
N PRO A 35 -2.54 7.20 5.56
CA PRO A 35 -3.31 8.30 4.91
C PRO A 35 -2.36 9.21 4.13
N PHE A 36 -2.72 9.54 2.90
CA PHE A 36 -1.87 10.41 2.08
C PHE A 36 -2.70 11.50 1.43
N THR A 37 -2.21 12.73 1.48
CA THR A 37 -2.93 13.86 0.88
C THR A 37 -2.08 14.58 -0.15
N ILE A 38 -2.68 14.79 -1.32
CA ILE A 38 -1.99 15.46 -2.42
C ILE A 38 -2.98 16.28 -3.25
N ASN A 39 -2.61 17.53 -3.55
CA ASN A 39 -3.49 18.39 -4.33
C ASN A 39 -4.88 18.45 -3.69
N ASN A 40 -4.88 18.51 -2.36
CA ASN A 40 -6.14 18.55 -1.60
C ASN A 40 -6.96 17.28 -1.84
N LEU A 41 -6.26 16.19 -2.20
CA LEU A 41 -6.91 14.91 -2.44
C LEU A 41 -6.49 13.93 -1.37
N THR A 42 -7.44 13.28 -0.73
CA THR A 42 -7.08 12.32 0.31
C THR A 42 -7.27 10.90 -0.18
N ILE A 43 -6.19 10.13 -0.11
CA ILE A 43 -6.21 8.74 -0.52
C ILE A 43 -5.67 7.90 0.61
N ASN A 44 -5.89 6.60 0.52
CA ASN A 44 -5.37 5.72 1.54
C ASN A 44 -4.63 4.57 0.90
N ILE A 45 -3.44 4.33 1.42
CA ILE A 45 -2.61 3.27 0.91
C ILE A 45 -2.76 2.07 1.83
N ASN A 46 -3.29 0.97 1.29
CA ASN A 46 -3.49 -0.22 2.08
C ASN A 46 -2.45 -1.26 1.71
N ILE A 47 -1.91 -1.89 2.72
CA ILE A 47 -0.86 -2.85 2.55
C ILE A 47 -1.27 -4.18 3.15
N LEU A 48 -1.16 -5.27 2.41
CA LEU A 48 -1.54 -6.57 2.94
C LEU A 48 -0.37 -7.53 2.90
N LEU A 49 -0.03 -8.09 4.05
CA LEU A 49 1.09 -9.02 4.13
C LEU A 49 0.55 -10.47 4.18
N PRO A 50 0.78 -11.28 3.17
CA PRO A 50 0.28 -12.70 3.15
C PRO A 50 0.96 -13.57 4.20
N PRO A 51 0.46 -14.75 4.44
CA PRO A 51 1.04 -15.66 5.47
C PRO A 51 2.45 -16.10 5.11
N GLN A 52 2.75 -16.11 3.81
CA GLN A 52 4.06 -16.52 3.33
C GLN A 52 5.04 -15.35 3.40
N PHE A 53 4.51 -14.15 3.23
CA PHE A 53 5.30 -12.92 3.24
C PHE A 53 6.37 -12.93 4.36
N PRO A 54 7.45 -12.18 4.20
CA PRO A 54 7.71 -11.33 2.99
C PRO A 54 8.36 -12.11 1.85
N GLN A 55 8.33 -13.44 1.95
CA GLN A 55 8.88 -14.30 0.90
C GLN A 55 7.94 -14.31 -0.31
N GLU A 56 6.85 -13.55 -0.19
CA GLU A 56 5.84 -13.44 -1.22
C GLU A 56 5.44 -11.99 -1.35
N LYS A 57 4.96 -11.61 -2.53
CA LYS A 57 4.59 -10.22 -2.74
C LYS A 57 3.32 -9.87 -1.95
N PRO A 58 3.18 -8.63 -1.54
CA PRO A 58 2.00 -8.17 -0.76
C PRO A 58 0.88 -7.70 -1.67
N VAL A 59 -0.29 -7.46 -1.09
CA VAL A 59 -1.40 -6.98 -1.87
C VAL A 59 -1.61 -5.51 -1.56
N ILE A 60 -1.36 -4.67 -2.56
CA ILE A 60 -1.46 -3.23 -2.39
C ILE A 60 -2.71 -2.70 -3.08
N SER A 61 -3.59 -2.10 -2.29
CA SER A 61 -4.83 -1.54 -2.84
C SER A 61 -4.99 -0.07 -2.43
N VAL A 62 -5.64 0.69 -3.29
CA VAL A 62 -5.86 2.11 -3.03
C VAL A 62 -7.33 2.48 -3.21
N TYR A 63 -7.84 3.30 -2.30
CA TYR A 63 -9.22 3.74 -2.38
C TYR A 63 -9.31 5.23 -2.00
N PRO A 64 -10.08 6.00 -2.72
CA PRO A 64 -10.87 5.55 -3.90
C PRO A 64 -9.97 5.37 -5.12
N PRO A 65 -10.44 4.67 -6.12
CA PRO A 65 -9.66 4.42 -7.37
C PRO A 65 -9.22 5.73 -8.03
N ILE A 66 -8.00 5.72 -8.57
CA ILE A 66 -7.43 6.90 -9.18
C ILE A 66 -6.73 6.59 -10.50
N ARG A 67 -6.54 7.61 -11.31
CA ARG A 67 -5.85 7.44 -12.60
C ARG A 67 -4.37 7.69 -12.40
N HIS A 68 -3.53 6.73 -12.82
CA HIS A 68 -2.10 6.87 -12.65
C HIS A 68 -1.37 5.74 -13.37
N HIS A 69 -0.11 5.96 -13.74
CA HIS A 69 0.65 4.93 -14.43
C HIS A 69 0.98 3.76 -13.49
N LEU A 70 0.80 3.97 -12.19
CA LEU A 70 1.07 2.92 -11.21
C LEU A 70 -0.22 2.20 -10.82
N MET A 71 -1.34 2.66 -11.37
CA MET A 71 -2.63 2.07 -11.07
C MET A 71 -2.99 0.97 -12.07
N ASP A 72 -3.40 -0.17 -11.55
CA ASP A 72 -3.77 -1.31 -12.40
C ASP A 72 -4.86 -0.91 -13.39
N LYS A 73 -5.13 -1.78 -14.34
CA LYS A 73 -6.14 -1.51 -15.36
C LYS A 73 -7.50 -1.29 -14.73
N GLN A 74 -7.71 -1.84 -13.53
CA GLN A 74 -8.99 -1.67 -12.84
C GLN A 74 -9.03 -0.32 -12.12
N GLY A 75 -7.87 0.29 -11.97
CA GLY A 75 -7.78 1.58 -11.29
C GLY A 75 -8.08 1.41 -9.80
N VAL A 76 -8.08 0.17 -9.33
CA VAL A 76 -8.34 -0.12 -7.93
C VAL A 76 -7.12 -0.71 -7.27
N TYR A 77 -6.53 -1.70 -7.92
CA TYR A 77 -5.34 -2.34 -7.40
C TYR A 77 -4.10 -1.59 -7.86
N VAL A 78 -3.09 -1.54 -7.01
CA VAL A 78 -1.86 -0.84 -7.36
C VAL A 78 -0.87 -1.82 -7.97
N THR A 79 -0.36 -1.48 -9.15
CA THR A 79 0.61 -2.34 -9.81
C THR A 79 1.79 -1.50 -10.26
N SER A 80 2.76 -1.36 -9.37
CA SER A 80 3.93 -0.54 -9.66
C SER A 80 5.20 -1.38 -9.59
N PRO A 81 6.23 -0.99 -10.28
CA PRO A 81 7.52 -1.72 -10.27
C PRO A 81 8.14 -1.68 -8.87
N LEU A 82 7.73 -0.68 -8.10
CA LEU A 82 8.21 -0.50 -6.74
C LEU A 82 7.80 -1.72 -5.89
N VAL A 83 6.57 -2.16 -6.09
CA VAL A 83 6.05 -3.31 -5.37
C VAL A 83 6.53 -4.59 -6.06
N ASN A 84 6.64 -4.52 -7.38
CA ASN A 84 7.09 -5.68 -8.15
C ASN A 84 8.47 -6.12 -7.66
N ASN A 85 9.30 -5.15 -7.34
CA ASN A 85 10.66 -5.42 -6.86
C ASN A 85 10.68 -5.83 -5.38
N PHE A 86 9.65 -6.55 -4.93
CA PHE A 86 9.59 -6.98 -3.54
C PHE A 86 10.50 -8.18 -3.29
N THR A 87 11.53 -7.96 -2.47
CA THR A 87 12.49 -9.03 -2.16
C THR A 87 12.96 -8.91 -0.71
N MET A 88 13.85 -9.82 -0.30
CA MET A 88 14.36 -9.84 1.07
C MET A 88 15.20 -8.60 1.35
N HIS A 89 15.76 -8.01 0.30
CA HIS A 89 16.60 -6.83 0.44
C HIS A 89 15.82 -5.55 0.16
N SER A 90 14.49 -5.65 0.17
CA SER A 90 13.65 -4.48 -0.09
C SER A 90 13.06 -3.93 1.20
N ASP A 91 13.10 -2.61 1.33
CA ASP A 91 12.54 -1.94 2.51
C ASP A 91 11.07 -1.63 2.26
N LEU A 92 10.20 -2.38 2.92
CA LEU A 92 8.77 -2.20 2.76
C LEU A 92 8.38 -0.72 2.87
N GLY A 93 8.94 -0.04 3.86
CA GLY A 93 8.65 1.37 4.07
C GLY A 93 9.06 2.20 2.86
N LYS A 94 10.18 1.84 2.26
CA LYS A 94 10.68 2.56 1.10
C LYS A 94 9.66 2.51 -0.04
N ILE A 95 9.05 1.34 -0.23
CA ILE A 95 8.05 1.19 -1.29
C ILE A 95 6.89 2.15 -1.08
N ILE A 96 6.43 2.25 0.15
CA ILE A 96 5.32 3.16 0.46
C ILE A 96 5.71 4.60 0.20
N GLN A 97 6.91 4.98 0.62
CA GLN A 97 7.37 6.35 0.41
C GLN A 97 7.46 6.66 -1.08
N SER A 98 7.97 5.71 -1.84
CA SER A 98 8.10 5.88 -3.28
C SER A 98 6.75 5.94 -3.97
N LEU A 99 5.78 5.16 -3.47
CA LEU A 99 4.45 5.11 -4.08
C LEU A 99 3.80 6.50 -4.06
N LEU A 100 3.79 7.15 -2.90
CA LEU A 100 3.19 8.46 -2.81
C LEU A 100 4.08 9.52 -3.46
N ASP A 101 5.37 9.29 -3.43
CA ASP A 101 6.29 10.24 -4.03
C ASP A 101 6.02 10.36 -5.52
N GLU A 102 5.71 9.24 -6.15
CA GLU A 102 5.39 9.25 -7.56
C GLU A 102 4.11 10.06 -7.78
N PHE A 103 3.20 9.96 -6.83
CA PHE A 103 1.93 10.68 -6.93
C PHE A 103 2.18 12.19 -6.85
N TRP A 104 3.18 12.57 -6.03
CA TRP A 104 3.52 13.97 -5.89
C TRP A 104 3.88 14.56 -7.24
N LYS A 105 4.63 13.80 -8.03
CA LYS A 105 5.03 14.25 -9.35
C LYS A 105 3.80 14.49 -10.22
N ASN A 106 2.83 13.58 -10.11
CA ASN A 106 1.60 13.69 -10.88
C ASN A 106 0.40 13.37 -9.98
N PRO A 107 -0.25 14.36 -9.40
CA PRO A 107 -1.42 14.12 -8.50
C PRO A 107 -2.52 13.29 -9.16
N PRO A 108 -3.13 12.37 -8.43
CA PRO A 108 -4.21 11.49 -8.95
C PRO A 108 -5.55 12.22 -9.13
N VAL A 109 -6.40 11.64 -9.97
CA VAL A 109 -7.71 12.18 -10.22
C VAL A 109 -8.73 11.06 -10.16
N LEU A 110 -9.82 11.33 -9.49
CA LEU A 110 -10.88 10.34 -9.35
C LEU A 110 -11.29 9.83 -10.73
N ALA A 111 -10.83 8.64 -11.04
CA ALA A 111 -11.13 8.02 -12.34
C ALA A 111 -12.65 7.84 -12.55
N PRO A 112 -13.36 7.26 -11.62
CA PRO A 112 -14.84 7.06 -11.76
C PRO A 112 -15.58 8.36 -12.05
N THR A 113 -15.11 9.46 -11.46
CA THR A 113 -15.76 10.75 -11.66
C THR A 113 -17.18 10.70 -11.11
N SER A 114 -17.32 10.07 -9.95
CA SER A 114 -18.63 9.93 -9.31
C SER A 114 -18.46 9.77 -7.81
N THR A 115 -19.57 9.58 -7.11
CA THR A 115 -19.53 9.42 -5.66
C THR A 115 -18.73 8.19 -5.27
N ALA A 116 -18.61 7.23 -6.21
CA ALA A 116 -17.86 6.01 -5.95
C ALA A 116 -18.53 5.18 -4.86
N PHE A 117 -17.78 4.28 -4.23
CA PHE A 117 -18.33 3.45 -3.18
C PHE A 117 -18.78 4.28 -1.99
N PRO A 118 -19.62 3.73 -1.16
CA PRO A 118 -20.14 4.43 0.04
C PRO A 118 -19.13 4.44 1.19
N TYR A 119 -18.87 3.26 1.76
CA TYR A 119 -17.91 3.15 2.85
C TYR A 119 -16.84 2.10 2.56
N LEU A 120 -17.09 1.26 1.56
CA LEU A 120 -16.14 0.21 1.20
C LEU A 120 -16.03 -0.80 2.35
N TYR A 121 -14.95 -1.59 2.34
CA TYR A 121 -14.75 -2.58 3.39
C TYR A 121 -13.76 -2.08 4.42
N SER A 122 -14.26 -1.34 5.40
CA SER A 122 -13.41 -0.80 6.46
C SER A 122 -14.23 -0.50 7.71
N ASN A 123 -13.64 -0.74 8.87
CA ASN A 123 -14.33 -0.48 10.13
C ASN A 123 -14.45 1.02 10.37
N PRO A 124 -15.47 1.45 11.07
CA PRO A 124 -15.68 2.90 11.36
C PRO A 124 -14.60 3.48 12.26
N SER A 125 -14.02 2.62 13.11
CA SER A 125 -12.98 3.09 14.02
C SER A 125 -11.59 2.94 13.40
N GLY A 126 -11.51 2.18 12.29
CA GLY A 126 -10.23 1.98 11.62
C GLY A 126 -9.36 0.97 12.37
N MET A 127 -9.03 1.28 13.62
CA MET A 127 -8.21 0.39 14.43
C MET A 127 -8.90 -0.96 14.61
N SER A 128 -10.19 -0.92 14.92
CA SER A 128 -10.96 -2.14 15.12
C SER A 128 -12.44 -1.90 14.86
N GLY A 1 18.79 -22.93 15.04
CA GLY A 1 17.72 -23.24 14.04
C GLY A 1 16.91 -21.98 13.78
N LEU A 2 15.84 -21.79 14.55
CA LEU A 2 14.98 -20.62 14.39
C LEU A 2 14.50 -20.51 12.94
N THR A 3 13.71 -19.47 12.67
CA THR A 3 13.20 -19.25 11.33
C THR A 3 13.59 -17.87 10.82
N SER A 4 14.14 -17.82 9.61
CA SER A 4 14.56 -16.56 9.01
C SER A 4 13.37 -15.64 8.75
N LEU A 5 12.25 -16.23 8.34
CA LEU A 5 11.07 -15.46 8.00
C LEU A 5 10.51 -14.65 9.16
N GLN A 6 10.46 -15.22 10.36
CA GLN A 6 9.90 -14.46 11.48
C GLN A 6 10.82 -13.29 11.83
N GLN A 7 12.13 -13.49 11.73
CA GLN A 7 13.07 -12.41 12.01
C GLN A 7 13.00 -11.35 10.92
N GLN A 8 12.90 -11.81 9.68
CA GLN A 8 12.82 -10.90 8.54
C GLN A 8 11.51 -10.11 8.58
N LYS A 9 10.43 -10.81 8.89
CA LYS A 9 9.12 -10.19 8.95
C LYS A 9 9.07 -9.09 10.00
N GLN A 10 9.54 -9.37 11.20
CA GLN A 10 9.52 -8.39 12.27
C GLN A 10 10.34 -7.17 11.89
N ARG A 11 11.46 -7.40 11.22
CA ARG A 11 12.31 -6.29 10.80
C ARG A 11 11.51 -5.38 9.89
N LEU A 12 10.70 -5.97 9.03
CA LEU A 12 9.87 -5.22 8.12
C LEU A 12 8.84 -4.37 8.87
N ILE A 13 8.22 -4.94 9.91
CA ILE A 13 7.19 -4.22 10.66
C ILE A 13 7.73 -2.98 11.37
N GLU A 14 8.82 -3.12 12.11
CA GLU A 14 9.36 -1.98 12.84
C GLU A 14 9.93 -0.92 11.90
N SER A 15 10.55 -1.36 10.81
CA SER A 15 11.12 -0.42 9.85
C SER A 15 10.04 0.41 9.18
N LEU A 16 8.98 -0.26 8.74
CA LEU A 16 7.87 0.40 8.06
C LEU A 16 7.12 1.35 8.97
N ARG A 17 6.73 0.86 10.14
CA ARG A 17 5.99 1.68 11.09
C ARG A 17 6.81 2.87 11.53
N ASN A 18 8.08 2.61 11.80
CA ASN A 18 8.96 3.67 12.25
C ASN A 18 9.13 4.71 11.15
N SER A 19 9.20 4.24 9.91
CA SER A 19 9.35 5.12 8.76
C SER A 19 8.13 6.01 8.61
N HIS A 20 6.97 5.44 8.89
CA HIS A 20 5.73 6.17 8.76
C HIS A 20 4.98 6.30 10.09
N SER A 21 4.96 7.52 10.64
CA SER A 21 4.26 7.77 11.89
C SER A 21 2.74 7.69 11.70
N SER A 22 2.27 8.21 10.57
CA SER A 22 0.84 8.21 10.26
C SER A 22 0.30 6.80 10.08
N ILE A 23 1.16 5.92 9.53
CA ILE A 23 0.79 4.52 9.31
C ILE A 23 -0.02 3.98 10.48
N ALA A 24 -1.09 3.25 10.19
CA ALA A 24 -1.95 2.71 11.25
C ALA A 24 -2.23 1.23 11.05
N GLU A 25 -2.45 0.52 12.16
CA GLU A 25 -2.73 -0.91 12.10
C GLU A 25 -4.21 -1.16 11.86
N ILE A 26 -4.49 -2.00 10.86
CA ILE A 26 -5.87 -2.38 10.54
C ILE A 26 -6.15 -3.73 11.15
N GLN A 27 -5.16 -4.58 11.05
CA GLN A 27 -5.26 -5.93 11.58
C GLN A 27 -4.33 -6.11 12.78
N LYS A 28 -3.07 -6.44 12.50
CA LYS A 28 -2.04 -6.64 13.54
C LYS A 28 -0.91 -7.44 12.92
N ASP A 29 0.15 -6.75 12.49
CA ASP A 29 1.28 -7.41 11.86
C ASP A 29 0.86 -8.03 10.52
N VAL A 30 -0.36 -7.73 10.07
CA VAL A 30 -0.86 -8.32 8.81
C VAL A 30 -1.33 -7.24 7.82
N GLU A 31 -1.99 -6.19 8.33
CA GLU A 31 -2.49 -5.13 7.43
C GLU A 31 -2.12 -3.74 7.93
N TYR A 32 -1.52 -2.94 7.04
CA TYR A 32 -1.10 -1.58 7.37
C TYR A 32 -1.77 -0.57 6.44
N ARG A 33 -2.19 0.56 6.99
CA ARG A 33 -2.82 1.60 6.17
C ARG A 33 -2.18 2.96 6.41
N LEU A 34 -1.78 3.61 5.33
CA LEU A 34 -1.17 4.93 5.43
C LEU A 34 -2.02 5.98 4.70
N PRO A 35 -2.49 7.02 5.36
CA PRO A 35 -3.29 8.06 4.70
C PRO A 35 -2.38 9.06 3.99
N PHE A 36 -2.77 9.48 2.79
CA PHE A 36 -1.96 10.41 2.02
C PHE A 36 -2.82 11.52 1.44
N THR A 37 -2.33 12.76 1.52
CA THR A 37 -3.08 13.90 1.00
C THR A 37 -2.26 14.67 -0.04
N ILE A 38 -2.88 14.88 -1.19
CA ILE A 38 -2.24 15.59 -2.28
C ILE A 38 -3.28 16.39 -3.07
N ASN A 39 -2.92 17.61 -3.48
CA ASN A 39 -3.84 18.47 -4.22
C ASN A 39 -5.21 18.51 -3.53
N ASN A 40 -5.17 18.57 -2.20
CA ASN A 40 -6.39 18.61 -1.40
C ASN A 40 -7.24 17.36 -1.60
N LEU A 41 -6.57 16.23 -1.85
CA LEU A 41 -7.26 14.96 -2.05
C LEU A 41 -6.80 13.99 -1.00
N THR A 42 -7.73 13.31 -0.35
CA THR A 42 -7.33 12.34 0.65
C THR A 42 -7.53 10.93 0.14
N ILE A 43 -6.43 10.19 0.15
CA ILE A 43 -6.44 8.81 -0.29
C ILE A 43 -5.86 7.95 0.80
N ASN A 44 -6.06 6.65 0.70
CA ASN A 44 -5.50 5.77 1.70
C ASN A 44 -4.82 4.59 1.04
N ILE A 45 -3.59 4.36 1.45
CA ILE A 45 -2.82 3.26 0.92
C ILE A 45 -2.99 2.08 1.87
N ASN A 46 -3.53 0.99 1.34
CA ASN A 46 -3.75 -0.20 2.14
C ASN A 46 -2.69 -1.23 1.82
N ILE A 47 -2.18 -1.85 2.85
CA ILE A 47 -1.10 -2.79 2.69
C ILE A 47 -1.47 -4.15 3.28
N LEU A 48 -1.24 -5.20 2.53
CA LEU A 48 -1.55 -6.54 3.01
C LEU A 48 -0.27 -7.37 3.13
N LEU A 49 -0.16 -8.09 4.22
CA LEU A 49 1.00 -8.93 4.47
C LEU A 49 0.51 -10.39 4.54
N PRO A 50 0.58 -11.13 3.46
CA PRO A 50 0.09 -12.55 3.42
C PRO A 50 0.70 -13.42 4.51
N PRO A 51 0.16 -14.58 4.74
CA PRO A 51 0.65 -15.51 5.79
C PRO A 51 2.09 -15.91 5.52
N GLN A 52 2.39 -16.05 4.23
CA GLN A 52 3.72 -16.44 3.77
C GLN A 52 4.69 -15.27 3.79
N PHE A 53 4.17 -14.06 3.57
CA PHE A 53 5.00 -12.86 3.52
C PHE A 53 6.06 -12.86 4.63
N PRO A 54 7.16 -12.14 4.46
CA PRO A 54 7.43 -11.32 3.23
C PRO A 54 8.05 -12.14 2.11
N GLN A 55 7.94 -13.46 2.21
CA GLN A 55 8.45 -14.37 1.20
C GLN A 55 7.62 -14.28 -0.09
N GLU A 56 6.61 -13.42 -0.07
CA GLU A 56 5.76 -13.22 -1.23
C GLU A 56 5.40 -11.76 -1.32
N LYS A 57 4.99 -11.29 -2.50
CA LYS A 57 4.66 -9.90 -2.65
C LYS A 57 3.39 -9.55 -1.88
N PRO A 58 3.29 -8.33 -1.40
CA PRO A 58 2.11 -7.87 -0.63
C PRO A 58 0.98 -7.46 -1.56
N VAL A 59 -0.23 -7.38 -1.04
CA VAL A 59 -1.34 -6.98 -1.86
C VAL A 59 -1.74 -5.55 -1.49
N ILE A 60 -1.43 -4.62 -2.39
CA ILE A 60 -1.72 -3.22 -2.13
C ILE A 60 -2.87 -2.73 -3.01
N SER A 61 -3.79 -2.00 -2.39
CA SER A 61 -4.93 -1.45 -3.12
C SER A 61 -5.18 -0.02 -2.67
N VAL A 62 -5.84 0.77 -3.51
CA VAL A 62 -6.11 2.16 -3.18
C VAL A 62 -7.58 2.50 -3.40
N TYR A 63 -8.13 3.28 -2.48
CA TYR A 63 -9.53 3.69 -2.57
C TYR A 63 -9.64 5.15 -2.08
N PRO A 64 -10.33 6.01 -2.79
CA PRO A 64 -11.06 5.66 -4.04
C PRO A 64 -10.10 5.50 -5.22
N PRO A 65 -10.36 4.59 -6.12
CA PRO A 65 -9.49 4.36 -7.31
C PRO A 65 -9.13 5.66 -8.02
N ILE A 66 -7.87 5.72 -8.43
CA ILE A 66 -7.33 6.90 -9.08
C ILE A 66 -6.62 6.55 -10.38
N ARG A 67 -6.48 7.54 -11.25
CA ARG A 67 -5.79 7.35 -12.51
C ARG A 67 -4.33 7.73 -12.34
N HIS A 68 -3.43 6.84 -12.74
CA HIS A 68 -2.01 7.11 -12.60
C HIS A 68 -1.20 6.12 -13.43
N HIS A 69 0.02 6.49 -13.80
CA HIS A 69 0.84 5.61 -14.61
C HIS A 69 1.19 4.34 -13.85
N LEU A 70 1.11 4.39 -12.52
CA LEU A 70 1.42 3.21 -11.72
C LEU A 70 0.24 2.26 -11.68
N MET A 71 -0.93 2.81 -11.35
CA MET A 71 -2.15 2.02 -11.23
C MET A 71 -2.43 1.18 -12.48
N ASP A 72 -2.97 -0.02 -12.24
CA ASP A 72 -3.32 -0.93 -13.32
C ASP A 72 -4.52 -0.39 -14.09
N LYS A 73 -4.98 -1.13 -15.09
CA LYS A 73 -6.14 -0.68 -15.86
C LYS A 73 -7.29 -0.37 -14.92
N GLN A 74 -7.63 -1.33 -14.05
CA GLN A 74 -8.71 -1.13 -13.10
C GLN A 74 -8.39 -0.04 -12.09
N GLY A 75 -7.09 0.19 -11.86
CA GLY A 75 -6.65 1.25 -10.95
C GLY A 75 -7.06 1.01 -9.50
N VAL A 76 -7.25 -0.25 -9.11
CA VAL A 76 -7.60 -0.54 -7.72
C VAL A 76 -6.54 -1.40 -7.04
N TYR A 77 -6.04 -2.39 -7.76
CA TYR A 77 -5.03 -3.30 -7.21
C TYR A 77 -3.62 -2.72 -7.32
N VAL A 78 -3.49 -1.65 -8.10
CA VAL A 78 -2.20 -0.97 -8.29
C VAL A 78 -1.11 -1.92 -8.80
N THR A 79 -0.43 -1.52 -9.87
CA THR A 79 0.66 -2.34 -10.38
C THR A 79 1.84 -1.46 -10.76
N SER A 80 2.74 -1.29 -9.80
CA SER A 80 3.91 -0.45 -10.02
C SER A 80 5.18 -1.29 -9.99
N PRO A 81 6.23 -0.85 -10.64
CA PRO A 81 7.52 -1.59 -10.66
C PRO A 81 8.14 -1.68 -9.28
N LEU A 82 7.80 -0.73 -8.43
CA LEU A 82 8.32 -0.69 -7.07
C LEU A 82 7.84 -1.93 -6.30
N VAL A 83 6.58 -2.28 -6.53
CA VAL A 83 5.97 -3.45 -5.90
C VAL A 83 6.53 -4.71 -6.52
N ASN A 84 6.70 -4.66 -7.83
CA ASN A 84 7.21 -5.78 -8.59
C ASN A 84 8.60 -6.18 -8.13
N ASN A 85 9.44 -5.21 -7.84
CA ASN A 85 10.81 -5.47 -7.41
C ASN A 85 10.88 -5.88 -5.94
N PHE A 86 9.73 -6.01 -5.28
CA PHE A 86 9.71 -6.37 -3.87
C PHE A 86 10.47 -7.66 -3.61
N THR A 87 11.40 -7.60 -2.67
CA THR A 87 12.19 -8.76 -2.31
C THR A 87 12.74 -8.65 -0.88
N MET A 88 13.51 -9.66 -0.49
CA MET A 88 14.09 -9.71 0.86
C MET A 88 15.04 -8.54 1.09
N HIS A 89 15.79 -8.18 0.06
CA HIS A 89 16.77 -7.10 0.17
C HIS A 89 16.13 -5.72 -0.06
N SER A 90 14.80 -5.67 -0.09
CA SER A 90 14.12 -4.39 -0.31
C SER A 90 13.33 -3.97 0.92
N ASP A 91 13.38 -2.68 1.20
CA ASP A 91 12.66 -2.10 2.34
C ASP A 91 11.21 -1.82 1.95
N LEU A 92 10.28 -2.49 2.65
CA LEU A 92 8.86 -2.31 2.36
C LEU A 92 8.45 -0.87 2.55
N GLY A 93 8.97 -0.22 3.59
CA GLY A 93 8.64 1.18 3.84
C GLY A 93 9.04 2.05 2.65
N LYS A 94 10.17 1.70 2.05
CA LYS A 94 10.65 2.44 0.90
C LYS A 94 9.60 2.39 -0.21
N ILE A 95 8.98 1.23 -0.39
CA ILE A 95 7.96 1.07 -1.41
C ILE A 95 6.77 1.98 -1.12
N ILE A 96 6.33 1.99 0.14
CA ILE A 96 5.19 2.81 0.53
C ILE A 96 5.46 4.30 0.35
N GLN A 97 6.60 4.78 0.86
CA GLN A 97 6.91 6.20 0.75
C GLN A 97 7.13 6.58 -0.70
N SER A 98 7.63 5.66 -1.50
CA SER A 98 7.87 5.93 -2.91
C SER A 98 6.55 6.03 -3.68
N LEU A 99 5.55 5.27 -3.25
CA LEU A 99 4.26 5.26 -3.93
C LEU A 99 3.62 6.64 -3.94
N LEU A 100 3.57 7.28 -2.77
CA LEU A 100 2.96 8.61 -2.68
C LEU A 100 3.87 9.66 -3.29
N ASP A 101 5.18 9.42 -3.21
CA ASP A 101 6.12 10.35 -3.77
C ASP A 101 5.90 10.48 -5.26
N GLU A 102 5.59 9.36 -5.90
CA GLU A 102 5.32 9.35 -7.32
C GLU A 102 4.08 10.20 -7.61
N PHE A 103 3.11 10.15 -6.69
CA PHE A 103 1.87 10.91 -6.85
C PHE A 103 2.14 12.41 -6.70
N TRP A 104 3.15 12.77 -5.90
CA TRP A 104 3.49 14.16 -5.70
C TRP A 104 3.86 14.85 -7.01
N LYS A 105 4.61 14.15 -7.86
CA LYS A 105 5.00 14.72 -9.13
C LYS A 105 3.78 14.89 -10.02
N ASN A 106 2.83 13.99 -9.85
CA ASN A 106 1.62 14.01 -10.65
C ASN A 106 0.40 13.63 -9.80
N PRO A 107 -0.27 14.59 -9.22
CA PRO A 107 -1.47 14.31 -8.36
C PRO A 107 -2.53 13.46 -9.06
N PRO A 108 -3.11 12.49 -8.37
CA PRO A 108 -4.16 11.59 -8.93
C PRO A 108 -5.50 12.29 -9.13
N VAL A 109 -6.35 11.66 -9.93
CA VAL A 109 -7.69 12.18 -10.18
C VAL A 109 -8.69 11.05 -10.00
N LEU A 110 -9.79 11.34 -9.33
CA LEU A 110 -10.81 10.34 -9.08
C LEU A 110 -11.20 9.64 -10.38
N ALA A 111 -10.99 8.34 -10.39
CA ALA A 111 -11.31 7.53 -11.56
C ALA A 111 -12.70 6.91 -11.40
N PRO A 112 -13.34 6.52 -12.47
CA PRO A 112 -14.70 5.90 -12.43
C PRO A 112 -14.67 4.51 -11.79
N THR A 113 -15.79 4.11 -11.22
CA THR A 113 -15.87 2.80 -10.57
C THR A 113 -16.62 1.81 -11.46
N SER A 114 -15.94 0.72 -11.81
CA SER A 114 -16.53 -0.31 -12.65
C SER A 114 -15.75 -1.61 -12.52
N THR A 115 -16.28 -2.69 -13.08
CA THR A 115 -15.60 -3.97 -13.02
C THR A 115 -14.22 -3.85 -13.68
N ALA A 116 -14.20 -3.22 -14.84
CA ALA A 116 -12.95 -3.01 -15.57
C ALA A 116 -13.08 -1.83 -16.50
N PHE A 117 -11.94 -1.27 -16.89
CA PHE A 117 -11.94 -0.14 -17.80
C PHE A 117 -12.37 -0.59 -19.20
N PRO A 118 -12.95 0.27 -20.00
CA PRO A 118 -13.39 -0.09 -21.37
C PRO A 118 -12.20 -0.21 -22.33
N TYR A 119 -11.62 0.93 -22.68
CA TYR A 119 -10.48 0.93 -23.59
C TYR A 119 -9.31 1.73 -23.01
N LEU A 120 -9.58 2.96 -22.60
CA LEU A 120 -8.55 3.82 -22.05
C LEU A 120 -7.52 4.17 -23.10
N TYR A 121 -7.11 5.44 -23.14
CA TYR A 121 -6.13 5.90 -24.11
C TYR A 121 -4.71 5.49 -23.71
N SER A 122 -3.86 5.28 -24.70
CA SER A 122 -2.48 4.90 -24.45
C SER A 122 -1.52 5.93 -25.02
N ASN A 123 -0.37 6.10 -24.39
CA ASN A 123 0.61 7.07 -24.86
C ASN A 123 1.94 6.39 -25.18
N PRO A 124 2.08 5.86 -26.39
CA PRO A 124 3.32 5.18 -26.83
C PRO A 124 4.47 6.16 -27.05
N SER A 125 5.69 5.66 -26.94
CA SER A 125 6.86 6.52 -27.12
C SER A 125 6.92 7.07 -28.55
N GLY A 126 6.26 6.38 -29.47
CA GLY A 126 6.23 6.82 -30.86
C GLY A 126 7.43 6.27 -31.63
N MET A 127 7.48 6.55 -32.93
CA MET A 127 8.56 6.07 -33.77
C MET A 127 9.89 6.68 -33.33
N SER A 128 9.86 7.95 -32.96
CA SER A 128 11.07 8.63 -32.51
C SER A 128 11.04 8.87 -31.01
N GLY A 1 10.08 -27.25 14.70
CA GLY A 1 9.47 -26.40 13.64
C GLY A 1 9.92 -24.95 13.84
N LEU A 2 11.13 -24.65 13.40
CA LEU A 2 11.67 -23.31 13.53
C LEU A 2 11.76 -22.63 12.17
N THR A 3 11.13 -21.47 12.05
CA THR A 3 11.14 -20.73 10.79
C THR A 3 11.86 -19.39 10.96
N SER A 4 12.86 -19.15 10.11
CA SER A 4 13.61 -17.90 10.17
C SER A 4 12.77 -16.72 9.66
N LEU A 5 11.82 -17.01 8.79
CA LEU A 5 10.98 -15.97 8.18
C LEU A 5 10.17 -15.17 9.19
N GLN A 6 9.58 -15.83 10.17
CA GLN A 6 8.76 -15.11 11.12
C GLN A 6 9.56 -13.97 11.75
N GLN A 7 10.85 -14.23 12.01
CA GLN A 7 11.72 -13.21 12.58
C GLN A 7 12.01 -12.12 11.56
N GLN A 8 12.22 -12.53 10.31
CA GLN A 8 12.51 -11.60 9.23
C GLN A 8 11.35 -10.65 8.98
N LYS A 9 10.14 -11.19 8.99
CA LYS A 9 8.95 -10.36 8.76
C LYS A 9 8.84 -9.30 9.84
N GLN A 10 9.13 -9.70 11.08
CA GLN A 10 9.07 -8.78 12.20
C GLN A 10 10.01 -7.60 11.98
N ARG A 11 11.18 -7.88 11.43
CA ARG A 11 12.16 -6.82 11.17
C ARG A 11 11.54 -5.81 10.21
N LEU A 12 10.83 -6.31 9.21
CA LEU A 12 10.18 -5.45 8.24
C LEU A 12 9.11 -4.57 8.90
N ILE A 13 8.41 -5.11 9.88
CA ILE A 13 7.33 -4.37 10.54
C ILE A 13 7.83 -3.08 11.20
N GLU A 14 8.88 -3.21 12.00
CA GLU A 14 9.42 -2.06 12.70
C GLU A 14 9.93 -1.02 11.72
N SER A 15 10.50 -1.47 10.62
CA SER A 15 11.01 -0.56 9.60
C SER A 15 9.88 0.20 8.93
N LEU A 16 8.79 -0.52 8.64
CA LEU A 16 7.63 0.07 7.98
C LEU A 16 6.97 1.12 8.86
N ARG A 17 6.66 0.73 10.09
CA ARG A 17 6.00 1.63 11.03
C ARG A 17 6.90 2.80 11.38
N ASN A 18 8.16 2.50 11.61
CA ASN A 18 9.12 3.53 11.97
C ASN A 18 9.26 4.54 10.84
N SER A 19 9.26 4.04 9.61
CA SER A 19 9.39 4.88 8.43
C SER A 19 8.23 5.84 8.32
N HIS A 20 7.04 5.35 8.67
CA HIS A 20 5.84 6.15 8.59
C HIS A 20 5.15 6.31 9.94
N SER A 21 5.19 7.53 10.49
CA SER A 21 4.54 7.80 11.77
C SER A 21 3.01 7.78 11.63
N SER A 22 2.53 8.35 10.52
CA SER A 22 1.09 8.43 10.25
C SER A 22 0.50 7.04 10.06
N ILE A 23 1.30 6.13 9.50
CA ILE A 23 0.86 4.75 9.26
C ILE A 23 0.00 4.25 10.41
N ALA A 24 -1.13 3.62 10.09
CA ALA A 24 -2.05 3.12 11.10
C ALA A 24 -2.14 1.60 11.01
N GLU A 25 -2.16 0.96 12.16
CA GLU A 25 -2.24 -0.49 12.19
C GLU A 25 -3.69 -0.95 12.21
N ILE A 26 -4.05 -1.78 11.24
CA ILE A 26 -5.40 -2.32 11.15
C ILE A 26 -5.40 -3.70 11.76
N GLN A 27 -4.42 -4.48 11.34
CA GLN A 27 -4.24 -5.81 11.84
C GLN A 27 -2.80 -5.98 12.31
N LYS A 28 -2.66 -6.35 13.57
CA LYS A 28 -1.34 -6.51 14.18
C LYS A 28 -0.40 -7.31 13.29
N ASP A 29 0.67 -6.64 12.84
CA ASP A 29 1.69 -7.27 12.01
C ASP A 29 1.12 -7.88 10.73
N VAL A 30 -0.14 -7.59 10.41
CA VAL A 30 -0.75 -8.17 9.21
C VAL A 30 -1.26 -7.13 8.22
N GLU A 31 -1.89 -6.07 8.71
CA GLU A 31 -2.44 -5.06 7.81
C GLU A 31 -2.07 -3.63 8.23
N TYR A 32 -1.48 -2.89 7.30
CA TYR A 32 -1.08 -1.51 7.57
C TYR A 32 -1.70 -0.54 6.57
N ARG A 33 -2.17 0.61 7.06
CA ARG A 33 -2.79 1.61 6.19
C ARG A 33 -2.17 2.97 6.41
N LEU A 34 -1.73 3.60 5.32
CA LEU A 34 -1.16 4.93 5.41
C LEU A 34 -2.00 5.95 4.64
N PRO A 35 -2.53 6.97 5.28
CA PRO A 35 -3.34 8.00 4.58
C PRO A 35 -2.44 9.03 3.89
N PHE A 36 -2.85 9.47 2.71
CA PHE A 36 -2.07 10.43 1.95
C PHE A 36 -2.96 11.49 1.33
N THR A 37 -2.61 12.75 1.52
CA THR A 37 -3.39 13.84 0.96
C THR A 37 -2.59 14.61 -0.07
N ILE A 38 -3.22 14.90 -1.20
CA ILE A 38 -2.56 15.62 -2.27
C ILE A 38 -3.57 16.51 -2.99
N ASN A 39 -3.24 17.77 -3.18
CA ASN A 39 -4.16 18.68 -3.85
C ASN A 39 -5.53 18.64 -3.16
N ASN A 40 -5.49 18.48 -1.83
CA ASN A 40 -6.70 18.43 -0.98
C ASN A 40 -7.38 17.06 -1.01
N LEU A 41 -7.14 16.25 -2.03
CA LEU A 41 -7.78 14.93 -2.08
C LEU A 41 -7.08 13.96 -1.15
N THR A 42 -7.86 13.11 -0.49
CA THR A 42 -7.30 12.16 0.47
C THR A 42 -7.48 10.73 -0.01
N ILE A 43 -6.37 10.00 -0.01
CA ILE A 43 -6.36 8.61 -0.42
C ILE A 43 -5.77 7.78 0.71
N ASN A 44 -5.86 6.47 0.59
CA ASN A 44 -5.27 5.63 1.60
C ASN A 44 -4.60 4.43 0.98
N ILE A 45 -3.37 4.20 1.38
CA ILE A 45 -2.61 3.08 0.90
C ILE A 45 -2.84 1.91 1.85
N ASN A 46 -3.37 0.81 1.31
CA ASN A 46 -3.64 -0.35 2.13
C ASN A 46 -2.55 -1.38 1.91
N ILE A 47 -2.06 -1.93 2.99
CA ILE A 47 -0.95 -2.85 2.91
C ILE A 47 -1.32 -4.19 3.53
N LEU A 48 -1.09 -5.27 2.79
CA LEU A 48 -1.40 -6.60 3.29
C LEU A 48 -0.11 -7.41 3.47
N LEU A 49 -0.05 -8.13 4.57
CA LEU A 49 1.11 -8.95 4.88
C LEU A 49 0.70 -10.42 4.96
N PRO A 50 0.85 -11.18 3.89
CA PRO A 50 0.45 -12.63 3.89
C PRO A 50 1.39 -13.47 4.73
N PRO A 51 1.03 -14.70 5.01
CA PRO A 51 1.87 -15.60 5.85
C PRO A 51 3.22 -15.86 5.18
N GLN A 52 3.21 -15.93 3.85
CA GLN A 52 4.43 -16.14 3.09
C GLN A 52 5.36 -14.94 3.25
N PHE A 53 4.76 -13.76 3.34
CA PHE A 53 5.51 -12.52 3.48
C PHE A 53 6.64 -12.68 4.51
N PRO A 54 7.83 -12.09 4.29
CA PRO A 54 8.16 -11.25 3.11
C PRO A 54 8.71 -12.07 1.93
N GLN A 55 8.62 -13.39 2.02
CA GLN A 55 9.08 -14.26 0.93
C GLN A 55 8.14 -14.15 -0.27
N GLU A 56 7.05 -13.41 -0.09
CA GLU A 56 6.06 -13.21 -1.12
C GLU A 56 5.69 -11.75 -1.19
N LYS A 57 5.20 -11.30 -2.34
CA LYS A 57 4.85 -9.90 -2.48
C LYS A 57 3.58 -9.56 -1.70
N PRO A 58 3.43 -8.33 -1.27
CA PRO A 58 2.24 -7.89 -0.50
C PRO A 58 1.10 -7.50 -1.42
N VAL A 59 -0.08 -7.32 -0.86
CA VAL A 59 -1.22 -6.92 -1.66
C VAL A 59 -1.56 -5.46 -1.36
N ILE A 60 -1.22 -4.58 -2.28
CA ILE A 60 -1.46 -3.15 -2.09
C ILE A 60 -2.65 -2.67 -2.92
N SER A 61 -3.61 -2.04 -2.26
CA SER A 61 -4.79 -1.52 -2.95
C SER A 61 -5.02 -0.06 -2.59
N VAL A 62 -5.63 0.69 -3.50
CA VAL A 62 -5.89 2.11 -3.26
C VAL A 62 -7.38 2.44 -3.44
N TYR A 63 -7.92 3.18 -2.47
CA TYR A 63 -9.31 3.60 -2.51
C TYR A 63 -9.41 5.06 -2.06
N PRO A 64 -10.22 5.85 -2.70
CA PRO A 64 -11.06 5.44 -3.86
C PRO A 64 -10.21 5.34 -5.13
N PRO A 65 -10.60 4.53 -6.07
CA PRO A 65 -9.84 4.36 -7.34
C PRO A 65 -9.46 5.69 -8.00
N ILE A 66 -8.24 5.70 -8.52
CA ILE A 66 -7.67 6.89 -9.13
C ILE A 66 -7.00 6.57 -10.47
N ARG A 67 -6.77 7.62 -11.25
CA ARG A 67 -6.13 7.49 -12.54
C ARG A 67 -4.66 7.87 -12.42
N HIS A 68 -3.78 6.98 -12.82
CA HIS A 68 -2.35 7.25 -12.72
C HIS A 68 -1.56 6.27 -13.60
N HIS A 69 -0.33 6.61 -13.95
CA HIS A 69 0.48 5.74 -14.81
C HIS A 69 0.79 4.40 -14.14
N LEU A 70 0.76 4.37 -12.81
CA LEU A 70 1.07 3.13 -12.08
C LEU A 70 -0.20 2.39 -11.64
N MET A 71 -1.36 2.95 -11.92
CA MET A 71 -2.60 2.31 -11.56
C MET A 71 -3.00 1.27 -12.60
N ASP A 72 -3.48 0.12 -12.13
CA ASP A 72 -3.89 -0.95 -13.03
C ASP A 72 -5.02 -0.46 -13.93
N LYS A 73 -5.38 -1.28 -14.90
CA LYS A 73 -6.44 -0.91 -15.84
C LYS A 73 -7.75 -0.66 -15.10
N GLN A 74 -7.86 -1.17 -13.87
CA GLN A 74 -9.08 -0.96 -13.10
C GLN A 74 -9.00 0.32 -12.28
N GLY A 75 -7.79 0.83 -12.11
CA GLY A 75 -7.60 2.05 -11.33
C GLY A 75 -7.84 1.77 -9.85
N VAL A 76 -7.85 0.49 -9.48
CA VAL A 76 -8.07 0.09 -8.11
C VAL A 76 -6.83 -0.56 -7.52
N TYR A 77 -6.21 -1.44 -8.31
CA TYR A 77 -5.02 -2.14 -7.87
C TYR A 77 -3.78 -1.50 -8.47
N VAL A 78 -2.68 -1.55 -7.73
CA VAL A 78 -1.43 -0.97 -8.19
C VAL A 78 -0.51 -2.05 -8.74
N THR A 79 0.05 -1.79 -9.92
CA THR A 79 0.98 -2.74 -10.54
C THR A 79 2.18 -1.97 -11.10
N SER A 80 3.21 -1.82 -10.26
CA SER A 80 4.39 -1.07 -10.67
C SER A 80 5.67 -1.84 -10.38
N PRO A 81 6.73 -1.55 -11.08
CA PRO A 81 8.05 -2.21 -10.86
C PRO A 81 8.57 -1.94 -9.45
N LEU A 82 7.99 -0.93 -8.80
CA LEU A 82 8.37 -0.57 -7.44
C LEU A 82 8.12 -1.75 -6.52
N VAL A 83 6.99 -2.42 -6.73
CA VAL A 83 6.61 -3.58 -5.94
C VAL A 83 7.15 -4.87 -6.56
N ASN A 84 7.35 -4.84 -7.87
CA ASN A 84 7.84 -6.01 -8.59
C ASN A 84 9.21 -6.45 -8.04
N ASN A 85 10.05 -5.48 -7.72
CA ASN A 85 11.39 -5.80 -7.20
C ASN A 85 11.36 -6.03 -5.69
N PHE A 86 10.16 -6.25 -5.15
CA PHE A 86 10.02 -6.48 -3.70
C PHE A 86 10.72 -7.75 -3.26
N THR A 87 11.55 -7.61 -2.23
CA THR A 87 12.26 -8.76 -1.69
C THR A 87 12.65 -8.51 -0.23
N MET A 88 13.22 -9.53 0.41
CA MET A 88 13.64 -9.43 1.80
C MET A 88 14.67 -8.32 1.99
N HIS A 89 15.39 -8.01 0.92
CA HIS A 89 16.41 -6.97 0.98
C HIS A 89 15.83 -5.59 0.66
N SER A 90 14.51 -5.53 0.47
CA SER A 90 13.86 -4.26 0.18
C SER A 90 13.06 -3.77 1.37
N ASP A 91 13.17 -2.48 1.65
CA ASP A 91 12.43 -1.89 2.76
C ASP A 91 11.01 -1.58 2.35
N LEU A 92 10.07 -2.35 2.92
CA LEU A 92 8.67 -2.18 2.62
C LEU A 92 8.26 -0.71 2.71
N GLY A 93 8.81 -0.02 3.70
CA GLY A 93 8.51 1.41 3.88
C GLY A 93 8.97 2.21 2.68
N LYS A 94 10.12 1.84 2.14
CA LYS A 94 10.66 2.54 0.97
C LYS A 94 9.68 2.42 -0.19
N ILE A 95 9.10 1.23 -0.34
CA ILE A 95 8.14 0.99 -1.42
C ILE A 95 6.90 1.87 -1.24
N ILE A 96 6.41 1.96 -0.01
CA ILE A 96 5.20 2.76 0.26
C ILE A 96 5.44 4.25 0.00
N GLN A 97 6.51 4.80 0.55
CA GLN A 97 6.81 6.21 0.36
C GLN A 97 6.99 6.51 -1.12
N SER A 98 7.47 5.53 -1.87
CA SER A 98 7.67 5.70 -3.30
C SER A 98 6.34 5.93 -4.01
N LEU A 99 5.31 5.21 -3.59
CA LEU A 99 3.99 5.32 -4.22
C LEU A 99 3.40 6.73 -4.12
N LEU A 100 3.39 7.28 -2.91
CA LEU A 100 2.83 8.60 -2.70
C LEU A 100 3.74 9.68 -3.27
N ASP A 101 5.03 9.41 -3.27
CA ASP A 101 5.97 10.36 -3.80
C ASP A 101 5.69 10.58 -5.28
N GLU A 102 5.35 9.50 -5.98
CA GLU A 102 5.04 9.59 -7.39
C GLU A 102 3.78 10.43 -7.58
N PHE A 103 2.85 10.31 -6.65
CA PHE A 103 1.60 11.05 -6.71
C PHE A 103 1.88 12.54 -6.60
N TRP A 104 2.85 12.89 -5.77
CA TRP A 104 3.22 14.28 -5.58
C TRP A 104 3.61 14.91 -6.90
N LYS A 105 4.34 14.17 -7.72
CA LYS A 105 4.76 14.66 -9.02
C LYS A 105 3.54 14.97 -9.88
N ASN A 106 2.58 14.05 -9.87
CA ASN A 106 1.35 14.22 -10.64
C ASN A 106 0.15 13.75 -9.80
N PRO A 107 -0.60 14.65 -9.19
CA PRO A 107 -1.77 14.25 -8.36
C PRO A 107 -2.76 13.36 -9.11
N PRO A 108 -3.32 12.36 -8.45
CA PRO A 108 -4.30 11.42 -9.08
C PRO A 108 -5.63 12.08 -9.42
N VAL A 109 -6.39 11.41 -10.28
CA VAL A 109 -7.70 11.90 -10.68
C VAL A 109 -8.72 10.79 -10.54
N LEU A 110 -9.86 11.12 -9.95
CA LEU A 110 -10.91 10.15 -9.76
C LEU A 110 -11.32 9.57 -11.12
N ALA A 111 -10.78 8.40 -11.42
CA ALA A 111 -11.05 7.75 -12.69
C ALA A 111 -12.55 7.47 -12.87
N PRO A 112 -13.17 6.76 -11.96
CA PRO A 112 -14.64 6.46 -12.05
C PRO A 112 -15.50 7.67 -11.71
N THR A 113 -16.69 7.73 -12.28
CA THR A 113 -17.60 8.85 -12.01
C THR A 113 -18.08 8.78 -10.57
N SER A 114 -18.32 7.57 -10.09
CA SER A 114 -18.79 7.37 -8.72
C SER A 114 -18.41 5.97 -8.24
N THR A 115 -17.90 5.88 -7.01
CA THR A 115 -17.52 4.58 -6.47
C THR A 115 -17.66 4.57 -4.95
N ALA A 116 -16.98 5.49 -4.29
CA ALA A 116 -17.03 5.58 -2.83
C ALA A 116 -16.58 4.26 -2.21
N PHE A 117 -16.55 4.21 -0.89
CA PHE A 117 -16.13 3.00 -0.19
C PHE A 117 -17.27 2.55 0.75
N PRO A 118 -17.51 1.26 0.87
CA PRO A 118 -18.61 0.74 1.72
C PRO A 118 -18.31 0.81 3.22
N TYR A 119 -17.03 0.92 3.56
CA TYR A 119 -16.63 0.95 4.96
C TYR A 119 -16.09 2.33 5.37
N LEU A 120 -16.32 3.34 4.54
CA LEU A 120 -15.86 4.69 4.85
C LEU A 120 -16.60 5.20 6.09
N TYR A 121 -15.84 5.74 7.05
CA TYR A 121 -16.45 6.26 8.27
C TYR A 121 -15.99 7.69 8.53
N SER A 122 -16.83 8.45 9.24
CA SER A 122 -16.52 9.84 9.54
C SER A 122 -15.39 9.94 10.55
N ASN A 123 -14.58 10.99 10.42
CA ASN A 123 -13.47 11.21 11.33
C ASN A 123 -13.98 11.69 12.69
N PRO A 124 -13.21 11.54 13.73
CA PRO A 124 -13.62 11.97 15.10
C PRO A 124 -14.03 13.44 15.14
N SER A 125 -15.07 13.75 15.90
CA SER A 125 -15.55 15.13 16.00
C SER A 125 -14.49 16.02 16.63
N GLY A 126 -13.73 15.46 17.56
CA GLY A 126 -12.68 16.23 18.24
C GLY A 126 -13.26 17.45 18.94
N MET A 127 -12.65 18.60 18.71
CA MET A 127 -13.11 19.84 19.32
C MET A 127 -13.19 19.69 20.84
N SER A 128 -12.05 19.48 21.48
CA SER A 128 -12.00 19.31 22.92
C SER A 128 -12.76 20.45 23.61
N GLY A 1 16.74 -22.77 14.60
CA GLY A 1 15.35 -23.01 15.10
C GLY A 1 14.44 -21.88 14.63
N LEU A 2 13.19 -21.92 15.09
CA LEU A 2 12.22 -20.90 14.71
C LEU A 2 12.22 -20.69 13.19
N THR A 3 11.56 -19.62 12.75
CA THR A 3 11.49 -19.32 11.32
C THR A 3 12.19 -17.98 11.05
N SER A 4 13.14 -18.00 10.12
CA SER A 4 13.86 -16.78 9.77
C SER A 4 12.93 -15.75 9.13
N LEU A 5 12.00 -16.23 8.31
CA LEU A 5 11.06 -15.33 7.65
C LEU A 5 10.19 -14.60 8.65
N GLN A 6 9.77 -15.30 9.69
CA GLN A 6 8.93 -14.67 10.71
C GLN A 6 9.71 -13.54 11.36
N GLN A 7 10.99 -13.79 11.62
CA GLN A 7 11.85 -12.79 12.21
C GLN A 7 12.08 -11.62 11.25
N GLN A 8 12.29 -11.95 9.98
CA GLN A 8 12.52 -10.93 8.96
C GLN A 8 11.29 -10.05 8.77
N LYS A 9 10.12 -10.67 8.76
CA LYS A 9 8.88 -9.92 8.59
C LYS A 9 8.74 -8.88 9.70
N GLN A 10 9.09 -9.29 10.92
CA GLN A 10 9.00 -8.40 12.06
C GLN A 10 9.91 -7.19 11.84
N ARG A 11 11.08 -7.43 11.28
CA ARG A 11 12.04 -6.37 11.00
C ARG A 11 11.42 -5.35 10.04
N LEU A 12 10.67 -5.85 9.07
CA LEU A 12 10.03 -4.98 8.10
C LEU A 12 9.06 -4.02 8.77
N ILE A 13 8.26 -4.58 9.67
CA ILE A 13 7.25 -3.83 10.40
C ILE A 13 7.79 -2.76 11.33
N GLU A 14 8.78 -3.10 12.14
CA GLU A 14 9.32 -2.13 13.08
C GLU A 14 9.99 -0.98 12.33
N SER A 15 10.64 -1.31 11.21
CA SER A 15 11.30 -0.29 10.41
C SER A 15 10.27 0.58 9.71
N LEU A 16 9.25 -0.07 9.14
CA LEU A 16 8.19 0.62 8.42
C LEU A 16 7.40 1.55 9.33
N ARG A 17 7.00 1.02 10.48
CA ARG A 17 6.22 1.79 11.43
C ARG A 17 7.01 3.01 11.83
N ASN A 18 8.30 2.81 12.05
CA ASN A 18 9.17 3.89 12.44
C ASN A 18 9.29 4.92 11.33
N SER A 19 9.36 4.42 10.10
CA SER A 19 9.46 5.28 8.92
C SER A 19 8.19 6.10 8.75
N HIS A 20 7.06 5.46 9.03
CA HIS A 20 5.78 6.11 8.88
C HIS A 20 5.00 6.19 10.19
N SER A 21 4.93 7.39 10.75
CA SER A 21 4.20 7.60 12.00
C SER A 21 2.69 7.50 11.76
N SER A 22 2.25 8.02 10.62
CA SER A 22 0.83 8.01 10.27
C SER A 22 0.28 6.59 10.08
N ILE A 23 1.15 5.68 9.62
CA ILE A 23 0.75 4.29 9.41
C ILE A 23 -0.09 3.79 10.57
N ALA A 24 -1.16 3.05 10.26
CA ALA A 24 -2.06 2.56 11.30
C ALA A 24 -2.29 1.06 11.16
N GLU A 25 -2.56 0.40 12.28
CA GLU A 25 -2.79 -1.03 12.27
C GLU A 25 -4.26 -1.35 12.02
N ILE A 26 -4.51 -2.16 10.98
CA ILE A 26 -5.86 -2.57 10.64
C ILE A 26 -6.13 -3.95 11.20
N GLN A 27 -5.13 -4.81 11.02
CA GLN A 27 -5.21 -6.17 11.50
C GLN A 27 -4.33 -6.36 12.74
N LYS A 28 -3.05 -6.67 12.51
CA LYS A 28 -2.07 -6.88 13.58
C LYS A 28 -0.88 -7.60 12.97
N ASP A 29 0.16 -6.84 12.62
CA ASP A 29 1.33 -7.42 11.96
C ASP A 29 0.95 -8.05 10.62
N VAL A 30 -0.27 -7.77 10.15
CA VAL A 30 -0.73 -8.34 8.89
C VAL A 30 -1.23 -7.28 7.90
N GLU A 31 -1.89 -6.24 8.39
CA GLU A 31 -2.41 -5.20 7.51
C GLU A 31 -2.08 -3.79 8.01
N TYR A 32 -1.53 -2.96 7.12
CA TYR A 32 -1.17 -1.58 7.49
C TYR A 32 -1.80 -0.56 6.55
N ARG A 33 -2.16 0.60 7.10
CA ARG A 33 -2.76 1.65 6.30
C ARG A 33 -2.08 3.00 6.52
N LEU A 34 -1.64 3.63 5.44
CA LEU A 34 -1.01 4.93 5.52
C LEU A 34 -1.85 5.97 4.78
N PRO A 35 -2.29 7.03 5.42
CA PRO A 35 -3.09 8.09 4.74
C PRO A 35 -2.18 9.05 3.99
N PHE A 36 -2.59 9.42 2.78
CA PHE A 36 -1.77 10.32 1.97
C PHE A 36 -2.64 11.42 1.38
N THR A 37 -2.16 12.67 1.46
CA THR A 37 -2.93 13.79 0.93
C THR A 37 -2.12 14.57 -0.10
N ILE A 38 -2.74 14.82 -1.25
CA ILE A 38 -2.10 15.55 -2.34
C ILE A 38 -3.12 16.38 -3.11
N ASN A 39 -2.76 17.62 -3.43
CA ASN A 39 -3.65 18.49 -4.17
C ASN A 39 -5.01 18.57 -3.47
N ASN A 40 -4.96 18.64 -2.15
CA ASN A 40 -6.18 18.71 -1.34
C ASN A 40 -7.03 17.46 -1.56
N LEU A 41 -6.37 16.36 -1.89
CA LEU A 41 -7.05 15.09 -2.12
C LEU A 41 -6.56 14.09 -1.12
N THR A 42 -7.47 13.35 -0.49
CA THR A 42 -7.04 12.37 0.49
C THR A 42 -7.28 10.96 0.01
N ILE A 43 -6.21 10.17 0.02
CA ILE A 43 -6.24 8.79 -0.40
C ILE A 43 -5.67 7.95 0.72
N ASN A 44 -5.82 6.64 0.62
CA ASN A 44 -5.24 5.78 1.62
C ASN A 44 -4.58 4.60 0.95
N ILE A 45 -3.48 4.19 1.53
CA ILE A 45 -2.71 3.08 1.01
C ILE A 45 -2.91 1.89 1.93
N ASN A 46 -3.48 0.82 1.39
CA ASN A 46 -3.75 -0.38 2.17
C ASN A 46 -2.67 -1.40 1.88
N ILE A 47 -2.11 -1.92 2.95
CA ILE A 47 -1.00 -2.84 2.85
C ILE A 47 -1.35 -4.20 3.43
N LEU A 48 -1.05 -5.26 2.70
CA LEU A 48 -1.35 -6.60 3.18
C LEU A 48 -0.05 -7.40 3.30
N LEU A 49 0.06 -8.17 4.38
CA LEU A 49 1.24 -8.98 4.61
C LEU A 49 0.86 -10.46 4.64
N PRO A 50 0.97 -11.16 3.54
CA PRO A 50 0.61 -12.61 3.50
C PRO A 50 1.60 -13.46 4.31
N PRO A 51 1.23 -14.66 4.64
CA PRO A 51 2.11 -15.57 5.46
C PRO A 51 3.49 -15.71 4.84
N GLN A 52 3.51 -15.80 3.52
CA GLN A 52 4.76 -15.93 2.78
C GLN A 52 5.61 -14.67 2.92
N PHE A 53 4.95 -13.53 2.98
CA PHE A 53 5.63 -12.23 3.09
C PHE A 53 6.77 -12.30 4.13
N PRO A 54 7.91 -11.66 3.91
CA PRO A 54 8.23 -10.85 2.68
C PRO A 54 8.83 -11.68 1.54
N GLN A 55 8.79 -13.01 1.67
CA GLN A 55 9.31 -13.87 0.61
C GLN A 55 8.36 -13.86 -0.59
N GLU A 56 7.26 -13.14 -0.45
CA GLU A 56 6.27 -13.01 -1.48
C GLU A 56 5.80 -11.58 -1.58
N LYS A 57 5.26 -11.20 -2.70
CA LYS A 57 4.81 -9.82 -2.88
C LYS A 57 3.56 -9.55 -2.05
N PRO A 58 3.35 -8.32 -1.62
CA PRO A 58 2.17 -7.94 -0.80
C PRO A 58 0.99 -7.58 -1.66
N VAL A 59 -0.18 -7.44 -1.05
CA VAL A 59 -1.36 -7.04 -1.77
C VAL A 59 -1.68 -5.61 -1.37
N ILE A 60 -1.52 -4.70 -2.31
CA ILE A 60 -1.73 -3.28 -2.04
C ILE A 60 -2.88 -2.72 -2.86
N SER A 61 -3.79 -2.02 -2.19
CA SER A 61 -4.94 -1.42 -2.86
C SER A 61 -5.10 0.04 -2.48
N VAL A 62 -5.69 0.82 -3.38
CA VAL A 62 -5.90 2.26 -3.14
C VAL A 62 -7.34 2.65 -3.36
N TYR A 63 -7.88 3.46 -2.45
CA TYR A 63 -9.25 3.93 -2.58
C TYR A 63 -9.32 5.41 -2.23
N PRO A 64 -10.07 6.19 -2.96
CA PRO A 64 -10.84 5.73 -4.14
C PRO A 64 -9.93 5.58 -5.37
N PRO A 65 -10.27 4.75 -6.30
CA PRO A 65 -9.45 4.52 -7.54
C PRO A 65 -9.02 5.84 -8.18
N ILE A 66 -7.77 5.84 -8.67
CA ILE A 66 -7.21 7.02 -9.29
C ILE A 66 -6.56 6.65 -10.62
N ARG A 67 -6.46 7.63 -11.51
CA ARG A 67 -5.85 7.38 -12.81
C ARG A 67 -4.35 7.64 -12.73
N HIS A 68 -3.58 6.57 -12.58
CA HIS A 68 -2.13 6.70 -12.48
C HIS A 68 -1.45 5.55 -13.21
N HIS A 69 -0.21 5.78 -13.64
CA HIS A 69 0.54 4.75 -14.34
C HIS A 69 0.90 3.61 -13.39
N LEU A 70 0.73 3.82 -12.08
CA LEU A 70 1.04 2.79 -11.10
C LEU A 70 -0.24 2.05 -10.69
N MET A 71 -1.39 2.54 -11.14
CA MET A 71 -2.66 1.89 -10.82
C MET A 71 -3.06 0.95 -11.95
N ASP A 72 -3.59 -0.22 -11.58
CA ASP A 72 -4.03 -1.19 -12.59
C ASP A 72 -5.08 -0.53 -13.49
N LYS A 73 -5.44 -1.21 -14.57
CA LYS A 73 -6.41 -0.66 -15.50
C LYS A 73 -7.71 -0.33 -14.76
N GLN A 74 -8.15 -1.25 -13.90
CA GLN A 74 -9.38 -1.01 -13.15
C GLN A 74 -9.18 0.10 -12.10
N GLY A 75 -7.91 0.44 -11.82
CA GLY A 75 -7.60 1.52 -10.88
C GLY A 75 -7.94 1.17 -9.43
N VAL A 76 -8.06 -0.12 -9.16
CA VAL A 76 -8.37 -0.56 -7.80
C VAL A 76 -7.17 -1.27 -7.20
N TYR A 77 -6.58 -2.16 -7.98
CA TYR A 77 -5.41 -2.89 -7.54
C TYR A 77 -4.16 -2.15 -7.99
N VAL A 78 -3.14 -2.15 -7.15
CA VAL A 78 -1.90 -1.47 -7.49
C VAL A 78 -0.92 -2.44 -8.12
N THR A 79 -0.39 -2.07 -9.28
CA THR A 79 0.58 -2.92 -9.95
C THR A 79 1.66 -2.04 -10.57
N SER A 80 2.70 -1.80 -9.79
CA SER A 80 3.79 -0.95 -10.24
C SER A 80 5.14 -1.66 -10.12
N PRO A 81 6.14 -1.20 -10.83
CA PRO A 81 7.50 -1.82 -10.78
C PRO A 81 8.07 -1.81 -9.35
N LEU A 82 7.63 -0.82 -8.56
CA LEU A 82 8.11 -0.68 -7.20
C LEU A 82 7.77 -1.90 -6.36
N VAL A 83 6.55 -2.41 -6.51
CA VAL A 83 6.13 -3.60 -5.77
C VAL A 83 6.61 -4.85 -6.49
N ASN A 84 6.79 -4.73 -7.81
CA ASN A 84 7.25 -5.85 -8.62
C ASN A 84 8.63 -6.33 -8.16
N ASN A 85 9.51 -5.39 -7.83
CA ASN A 85 10.86 -5.73 -7.40
C ASN A 85 10.93 -6.05 -5.91
N PHE A 86 9.86 -6.65 -5.37
CA PHE A 86 9.84 -6.99 -3.95
C PHE A 86 10.80 -8.14 -3.65
N THR A 87 11.81 -7.85 -2.84
CA THR A 87 12.81 -8.85 -2.47
C THR A 87 13.18 -8.73 -1.00
N MET A 88 14.14 -9.56 -0.57
CA MET A 88 14.58 -9.58 0.83
C MET A 88 15.17 -8.24 1.25
N HIS A 89 15.91 -7.62 0.34
CA HIS A 89 16.56 -6.34 0.63
C HIS A 89 15.65 -5.16 0.31
N SER A 90 14.35 -5.41 0.18
CA SER A 90 13.40 -4.35 -0.12
C SER A 90 12.69 -3.87 1.14
N ASP A 91 12.82 -2.59 1.44
CA ASP A 91 12.19 -2.00 2.61
C ASP A 91 10.73 -1.70 2.30
N LEU A 92 9.83 -2.33 3.06
CA LEU A 92 8.40 -2.15 2.85
C LEU A 92 8.01 -0.67 2.98
N GLY A 93 8.52 0.00 4.00
CA GLY A 93 8.19 1.41 4.19
C GLY A 93 8.65 2.24 2.99
N LYS A 94 9.82 1.89 2.47
CA LYS A 94 10.36 2.59 1.31
C LYS A 94 9.44 2.40 0.11
N ILE A 95 8.91 1.18 -0.04
CA ILE A 95 8.02 0.87 -1.16
C ILE A 95 6.79 1.77 -1.08
N ILE A 96 6.28 1.92 0.13
CA ILE A 96 5.11 2.76 0.38
C ILE A 96 5.49 4.22 0.21
N GLN A 97 6.68 4.55 0.69
CA GLN A 97 7.21 5.90 0.61
C GLN A 97 7.30 6.37 -0.83
N SER A 98 7.79 5.51 -1.69
CA SER A 98 7.93 5.83 -3.10
C SER A 98 6.57 5.93 -3.78
N LEU A 99 5.61 5.12 -3.32
CA LEU A 99 4.29 5.08 -3.92
C LEU A 99 3.61 6.46 -3.90
N LEU A 100 3.61 7.10 -2.74
CA LEU A 100 2.99 8.41 -2.63
C LEU A 100 3.85 9.46 -3.29
N ASP A 101 5.15 9.22 -3.29
CA ASP A 101 6.08 10.15 -3.90
C ASP A 101 5.79 10.28 -5.39
N GLU A 102 5.42 9.17 -6.01
CA GLU A 102 5.11 9.17 -7.43
C GLU A 102 3.91 10.08 -7.70
N PHE A 103 2.96 10.08 -6.77
CA PHE A 103 1.76 10.89 -6.92
C PHE A 103 2.10 12.37 -6.79
N TRP A 104 3.12 12.68 -5.99
CA TRP A 104 3.52 14.07 -5.81
C TRP A 104 3.90 14.73 -7.13
N LYS A 105 4.62 14.01 -7.98
CA LYS A 105 5.01 14.57 -9.26
C LYS A 105 3.79 14.86 -10.11
N ASN A 106 2.77 14.02 -9.93
CA ASN A 106 1.54 14.14 -10.70
C ASN A 106 0.33 13.77 -9.85
N PRO A 107 -0.41 14.72 -9.33
CA PRO A 107 -1.61 14.43 -8.48
C PRO A 107 -2.60 13.47 -9.17
N PRO A 108 -3.18 12.54 -8.43
CA PRO A 108 -4.16 11.54 -8.99
C PRO A 108 -5.49 12.15 -9.38
N VAL A 109 -6.20 11.41 -10.24
CA VAL A 109 -7.52 11.85 -10.69
C VAL A 109 -8.52 10.71 -10.51
N LEU A 110 -9.68 11.04 -9.95
CA LEU A 110 -10.72 10.05 -9.74
C LEU A 110 -11.12 9.42 -11.07
N ALA A 111 -10.64 8.21 -11.29
CA ALA A 111 -10.93 7.50 -12.53
C ALA A 111 -12.44 7.27 -12.72
N PRO A 112 -13.11 6.64 -11.78
CA PRO A 112 -14.58 6.39 -11.88
C PRO A 112 -15.41 7.67 -11.76
N THR A 113 -16.59 7.66 -12.39
CA THR A 113 -17.46 8.82 -12.35
C THR A 113 -17.94 9.11 -10.93
N SER A 114 -17.90 8.09 -10.08
CA SER A 114 -18.34 8.26 -8.69
C SER A 114 -17.50 9.32 -7.99
N THR A 115 -18.16 10.18 -7.22
CA THR A 115 -17.47 11.24 -6.50
C THR A 115 -16.50 10.67 -5.48
N ALA A 116 -16.95 9.66 -4.72
CA ALA A 116 -16.10 9.04 -3.71
C ALA A 116 -16.51 7.60 -3.46
N PHE A 117 -15.59 6.82 -2.90
CA PHE A 117 -15.85 5.41 -2.62
C PHE A 117 -17.01 5.29 -1.61
N PRO A 118 -17.90 4.33 -1.76
CA PRO A 118 -19.06 4.18 -0.82
C PRO A 118 -18.64 4.11 0.66
N TYR A 119 -17.52 3.43 0.92
CA TYR A 119 -17.04 3.28 2.30
C TYR A 119 -15.70 3.99 2.52
N LEU A 120 -15.46 5.07 1.79
CA LEU A 120 -14.19 5.80 1.93
C LEU A 120 -13.88 6.10 3.40
N TYR A 121 -12.92 5.39 3.97
CA TYR A 121 -12.53 5.60 5.36
C TYR A 121 -11.03 5.86 5.46
N SER A 122 -10.66 6.80 6.32
CA SER A 122 -9.26 7.14 6.51
C SER A 122 -8.90 7.16 8.00
N ASN A 123 -7.62 6.90 8.30
CA ASN A 123 -7.16 6.90 9.68
C ASN A 123 -6.06 7.93 9.87
N PRO A 124 -6.43 9.16 10.09
CA PRO A 124 -5.45 10.27 10.30
C PRO A 124 -4.74 10.17 11.64
N SER A 125 -3.53 10.70 11.71
CA SER A 125 -2.75 10.68 12.95
C SER A 125 -3.47 11.46 14.05
N GLY A 126 -4.01 12.63 13.68
CA GLY A 126 -4.72 13.46 14.64
C GLY A 126 -3.76 14.42 15.35
N MET A 127 -4.31 15.28 16.20
CA MET A 127 -3.49 16.24 16.92
C MET A 127 -2.63 17.05 15.97
N SER A 128 -3.22 17.42 14.83
CA SER A 128 -2.48 18.20 13.83
C SER A 128 -3.45 18.82 12.83
#